data_5NH3
#
_entry.id   5NH3
#
_cell.length_a   44.330
_cell.length_b   108.207
_cell.length_c   100.685
_cell.angle_alpha   90.00
_cell.angle_beta   98.25
_cell.angle_gamma   90.00
#
_symmetry.space_group_name_H-M   'P 1 21 1'
#
loop_
_entity.id
_entity.type
_entity.pdbx_description
1 polymer 'Activin receptor type-2A'
2 polymer 'anti-human ActRIIB mAb BYM338 Fv heavy-chain'
3 polymer 'anti-human ActRIIB mAb BYM338 Fv light-chain'
4 branched 2-acetamido-2-deoxy-beta-D-glucopyranose-(1-4)-2-acetamido-2-deoxy-beta-D-glucopyranose
5 non-polymer 2-acetamido-2-deoxy-beta-D-glucopyranose
6 water water
#
loop_
_entity_poly.entity_id
_entity_poly.type
_entity_poly.pdbx_seq_one_letter_code
_entity_poly.pdbx_strand_id
1 'polypeptide(L)'
;AILGRSETQECLFFNANWEKDRTNQTGVEPCYGDKDKRRHCFATWKNISGSIEIVKQGCWLDDINCYDRTDCVEKKDSPE
VYFCCCEGNMCNEKFSYFPEMEVTQPTSNPVTPKPPEFRHDS
;
A,B
2 'polypeptide(L)'
;(PCA)VQLVQSGAEVKKPGASVKVSCKASGYTFTSSYINWVRQAPGQGLEWMGTINPVSGSTSYAQKFQGRVTMTRDTSI
STAYMELSRLRSDDTAVYYCARGGWFDYWGQGTLVTVSSHHHHHH
;
H,I
3 'polypeptide(L)'
;QSALTQPASVSGSPGQSITISCTGTSSDVGSYNYVNWYQQHPGKAPKLMIYGVSKRPSGVSNRFSGSKSGNTASLTISGL
QAEDEADYYCGTFAGGSYYGVFGGGTKLTVLWSHPQFEK
;
L,M
#
loop_
_chem_comp.id
_chem_comp.type
_chem_comp.name
_chem_comp.formula
NAG D-saccharide, beta linking 2-acetamido-2-deoxy-beta-D-glucopyranose 'C8 H15 N O6'
#
# COMPACT_ATOMS: atom_id res chain seq x y z
N SER A 6 22.86 22.97 15.30
CA SER A 6 22.86 21.89 16.30
C SER A 6 23.64 20.63 15.86
N GLU A 7 24.64 20.23 16.68
CA GLU A 7 25.53 19.09 16.44
C GLU A 7 24.97 17.77 17.02
N THR A 8 24.96 16.70 16.21
CA THR A 8 24.43 15.38 16.58
C THR A 8 25.56 14.37 16.89
N GLN A 9 25.77 14.10 18.18
CA GLN A 9 26.80 13.15 18.63
C GLN A 9 26.19 11.79 18.97
N GLU A 10 24.91 11.80 19.37
CA GLU A 10 24.16 10.64 19.85
C GLU A 10 22.70 10.70 19.45
N CYS A 11 22.06 9.53 19.37
CA CYS A 11 20.64 9.35 19.06
C CYS A 11 20.12 8.28 19.95
N LEU A 12 18.80 8.27 20.17
CA LEU A 12 18.15 7.13 20.80
C LEU A 12 18.22 5.99 19.76
N PHE A 13 18.49 4.75 20.24
CA PHE A 13 18.51 3.59 19.38
C PHE A 13 17.35 2.69 19.77
N PHE A 14 16.61 2.23 18.79
CA PHE A 14 15.53 1.28 19.01
C PHE A 14 15.40 0.42 17.79
N ASN A 15 15.26 -0.88 17.97
CA ASN A 15 15.06 -1.77 16.83
C ASN A 15 14.02 -2.80 17.23
N ALA A 16 12.78 -2.68 16.68
CA ALA A 16 11.69 -3.62 16.94
C ALA A 16 12.05 -5.01 16.37
N ASN A 17 12.82 -5.02 15.28
CA ASN A 17 13.27 -6.23 14.60
C ASN A 17 14.67 -6.70 15.04
N TRP A 18 15.07 -6.39 16.30
CA TRP A 18 16.37 -6.73 16.89
C TRP A 18 16.73 -8.22 16.84
N GLU A 19 15.73 -9.12 17.02
CA GLU A 19 15.94 -10.57 17.05
C GLU A 19 16.40 -11.05 15.68
N LYS A 20 15.62 -10.73 14.60
CA LYS A 20 15.92 -11.06 13.21
C LYS A 20 17.19 -10.32 12.71
N ASP A 21 17.31 -9.00 13.02
CA ASP A 21 18.46 -8.18 12.60
C ASP A 21 19.77 -8.46 13.38
N ARG A 22 19.68 -9.24 14.48
CA ARG A 22 20.79 -9.59 15.36
C ARG A 22 21.45 -8.33 15.98
N THR A 23 20.58 -7.37 16.44
CA THR A 23 20.99 -6.15 17.14
C THR A 23 20.43 -6.17 18.59
N ASN A 24 20.71 -5.11 19.34
CA ASN A 24 20.17 -4.86 20.68
C ASN A 24 18.81 -4.21 20.47
N GLN A 25 17.91 -4.21 21.48
CA GLN A 25 16.61 -3.58 21.26
C GLN A 25 16.64 -2.05 21.46
N THR A 26 17.12 -1.57 22.63
CA THR A 26 17.09 -0.18 23.04
C THR A 26 18.43 0.24 23.59
N GLY A 27 18.81 1.47 23.28
CA GLY A 27 20.03 2.04 23.79
C GLY A 27 20.29 3.42 23.29
N VAL A 28 21.57 3.79 23.32
CA VAL A 28 22.09 5.07 22.85
C VAL A 28 23.01 4.72 21.70
N GLU A 29 22.87 5.40 20.59
CA GLU A 29 23.72 5.14 19.45
C GLU A 29 24.64 6.33 19.18
N PRO A 30 25.96 6.14 19.27
CA PRO A 30 26.86 7.26 18.95
C PRO A 30 26.93 7.43 17.44
N CYS A 31 26.76 8.67 16.96
CA CYS A 31 26.87 9.03 15.53
C CYS A 31 28.30 9.53 15.43
N TYR A 32 29.14 8.82 14.69
CA TYR A 32 30.53 9.21 14.67
C TYR A 32 30.80 10.33 13.65
N GLY A 33 30.40 11.54 14.06
CA GLY A 33 30.57 12.76 13.30
C GLY A 33 31.91 13.45 13.55
N ASP A 34 32.10 14.60 12.91
CA ASP A 34 33.26 15.49 12.98
C ASP A 34 32.87 16.84 12.35
N LYS A 35 33.86 17.71 12.08
CA LYS A 35 33.65 18.99 11.42
C LYS A 35 33.18 18.79 9.96
N ASP A 36 33.68 17.71 9.31
CA ASP A 36 33.37 17.34 7.93
C ASP A 36 32.41 16.15 7.79
N LYS A 37 31.85 15.64 8.91
CA LYS A 37 30.90 14.52 8.91
C LYS A 37 29.62 14.93 9.65
N ARG A 38 28.62 15.43 8.88
CA ARG A 38 27.32 15.88 9.42
C ARG A 38 26.43 14.67 9.66
N ARG A 39 25.88 14.60 10.89
CA ARG A 39 25.04 13.48 11.33
C ARG A 39 23.66 13.93 11.80
N HIS A 40 22.72 13.02 11.73
CA HIS A 40 21.33 13.28 12.11
C HIS A 40 20.82 12.07 12.90
N CYS A 41 19.60 12.17 13.44
CA CYS A 41 18.87 11.08 14.08
C CYS A 41 17.67 10.85 13.23
N PHE A 42 17.07 9.68 13.34
CA PHE A 42 15.84 9.40 12.62
C PHE A 42 14.90 8.58 13.51
N ALA A 43 13.60 8.60 13.19
CA ALA A 43 12.59 7.75 13.80
C ALA A 43 11.70 7.26 12.65
N THR A 44 11.30 6.00 12.72
CA THR A 44 10.41 5.38 11.75
C THR A 44 9.32 4.62 12.55
N TRP A 45 8.05 4.74 12.11
CA TRP A 45 6.95 4.15 12.85
C TRP A 45 5.75 3.86 12.00
N LYS A 46 4.83 3.06 12.53
CA LYS A 46 3.53 2.76 11.95
C LYS A 46 2.50 3.49 12.84
N ASN A 47 1.37 3.87 12.27
CA ASN A 47 0.32 4.57 13.01
C ASN A 47 -0.99 3.92 12.60
N ILE A 48 -1.47 2.99 13.45
CA ILE A 48 -2.70 2.23 13.21
C ILE A 48 -3.84 2.94 13.95
N SER A 49 -4.46 3.90 13.25
CA SER A 49 -5.57 4.74 13.71
C SER A 49 -5.33 5.37 15.10
N GLY A 50 -4.16 6.02 15.25
CA GLY A 50 -3.78 6.66 16.50
C GLY A 50 -2.74 5.91 17.31
N SER A 51 -2.73 4.57 17.20
CA SER A 51 -1.79 3.69 17.91
C SER A 51 -0.42 3.62 17.23
N ILE A 52 0.61 4.19 17.87
CA ILE A 52 1.97 4.26 17.36
C ILE A 52 2.79 3.02 17.72
N GLU A 53 3.40 2.39 16.68
CA GLU A 53 4.28 1.23 16.81
C GLU A 53 5.58 1.65 16.19
N ILE A 54 6.63 1.77 17.00
CA ILE A 54 7.94 2.18 16.52
C ILE A 54 8.58 1.04 15.74
N VAL A 55 9.17 1.37 14.62
CA VAL A 55 9.83 0.37 13.79
C VAL A 55 11.34 0.44 14.11
N LYS A 56 11.94 1.64 13.96
CA LYS A 56 13.36 1.88 14.23
C LYS A 56 13.65 3.32 14.61
N GLN A 57 14.69 3.51 15.42
CA GLN A 57 15.28 4.79 15.81
C GLN A 57 16.82 4.60 15.77
N GLY A 58 17.55 5.63 15.33
CA GLY A 58 19.01 5.61 15.30
C GLY A 58 19.62 6.83 14.61
N CYS A 59 20.93 6.73 14.32
CA CYS A 59 21.73 7.72 13.61
C CYS A 59 21.42 7.60 12.12
N TRP A 60 21.55 8.73 11.44
CA TRP A 60 21.24 8.87 10.01
C TRP A 60 22.35 9.71 9.38
N LEU A 61 22.85 9.28 8.23
CA LEU A 61 23.97 9.97 7.58
C LEU A 61 23.53 11.25 6.91
N ASP A 62 24.48 12.15 6.73
CA ASP A 62 24.38 13.43 6.02
C ASP A 62 23.30 13.41 4.89
N ASP A 63 22.17 14.05 5.19
CA ASP A 63 20.97 14.12 4.35
C ASP A 63 20.40 15.55 4.38
N ILE A 64 20.30 16.21 3.21
CA ILE A 64 19.76 17.57 3.08
C ILE A 64 18.28 17.69 3.56
N ASN A 65 17.53 16.57 3.63
CA ASN A 65 16.15 16.54 4.12
C ASN A 65 16.09 16.81 5.63
N CYS A 66 17.20 16.62 6.37
CA CYS A 66 17.28 16.76 7.83
C CYS A 66 17.91 18.04 8.29
N TYR A 67 18.60 18.75 7.39
CA TYR A 67 19.37 19.97 7.71
C TYR A 67 18.57 21.02 8.47
N ASP A 68 19.10 21.45 9.61
CA ASP A 68 18.59 22.51 10.49
C ASP A 68 17.18 22.22 11.03
N ARG A 69 16.84 20.95 11.17
CA ARG A 69 15.56 20.53 11.73
C ARG A 69 15.81 19.98 13.12
N THR A 70 15.39 20.73 14.16
CA THR A 70 15.55 20.32 15.56
C THR A 70 14.39 19.39 15.97
N ASP A 71 13.22 19.55 15.35
CA ASP A 71 12.07 18.68 15.59
C ASP A 71 12.04 17.56 14.53
N CYS A 72 11.60 16.36 14.93
CA CYS A 72 11.48 15.18 14.08
C CYS A 72 10.01 15.14 13.60
N VAL A 73 9.75 15.65 12.37
CA VAL A 73 8.41 15.75 11.80
C VAL A 73 8.25 15.01 10.44
N GLU A 74 7.26 14.12 10.34
CA GLU A 74 6.86 13.48 9.10
C GLU A 74 5.85 14.44 8.41
N LYS A 75 6.22 15.00 7.24
CA LYS A 75 5.39 15.96 6.52
C LYS A 75 4.69 15.35 5.28
N LYS A 76 5.01 14.08 4.95
CA LYS A 76 4.39 13.36 3.84
C LYS A 76 2.98 12.94 4.25
N ASP A 77 2.01 13.16 3.34
CA ASP A 77 0.59 12.85 3.54
C ASP A 77 0.30 11.34 3.52
N SER A 78 -0.29 10.84 4.63
CA SER A 78 -0.69 9.45 4.89
C SER A 78 0.32 8.39 4.39
N PRO A 79 1.56 8.30 4.92
CA PRO A 79 2.47 7.25 4.43
C PRO A 79 2.12 5.89 5.04
N GLU A 80 2.63 4.79 4.46
CA GLU A 80 2.42 3.44 5.03
C GLU A 80 3.29 3.33 6.27
N VAL A 81 4.58 3.73 6.15
CA VAL A 81 5.57 3.77 7.24
C VAL A 81 6.03 5.21 7.34
N TYR A 82 5.87 5.78 8.53
CA TYR A 82 6.25 7.17 8.80
C TYR A 82 7.74 7.27 9.06
N PHE A 83 8.35 8.35 8.58
CA PHE A 83 9.76 8.62 8.75
C PHE A 83 9.97 10.10 9.05
N CYS A 84 10.94 10.38 9.93
CA CYS A 84 11.40 11.73 10.21
C CYS A 84 12.89 11.70 10.57
N CYS A 85 13.56 12.83 10.37
CA CYS A 85 14.96 12.97 10.73
C CYS A 85 15.19 14.39 11.25
N CYS A 86 16.22 14.55 12.10
CA CYS A 86 16.48 15.80 12.78
C CYS A 86 17.95 15.89 13.15
N GLU A 87 18.34 17.05 13.68
CA GLU A 87 19.68 17.37 14.20
C GLU A 87 19.57 17.64 15.67
N GLY A 88 20.60 17.25 16.43
CA GLY A 88 20.70 17.45 17.88
C GLY A 88 20.60 16.13 18.63
N ASN A 89 21.28 16.00 19.76
CA ASN A 89 21.27 14.76 20.54
C ASN A 89 19.89 14.35 21.00
N MET A 90 19.54 13.07 20.74
CA MET A 90 18.25 12.42 21.06
C MET A 90 17.02 13.14 20.50
N CYS A 91 17.19 13.93 19.41
CA CYS A 91 16.08 14.67 18.81
C CYS A 91 14.97 13.73 18.30
N ASN A 92 15.33 12.46 17.98
CA ASN A 92 14.42 11.43 17.49
C ASN A 92 13.55 10.75 18.60
N GLU A 93 13.65 11.18 19.87
CA GLU A 93 12.84 10.62 20.96
C GLU A 93 11.39 11.07 20.85
N LYS A 94 11.21 12.32 20.44
CA LYS A 94 9.91 12.91 20.21
C LYS A 94 9.77 13.05 18.71
N PHE A 95 8.63 12.63 18.18
CA PHE A 95 8.37 12.70 16.76
C PHE A 95 6.92 13.02 16.55
N SER A 96 6.60 13.61 15.41
CA SER A 96 5.23 14.00 15.12
C SER A 96 4.89 13.87 13.63
N TYR A 97 3.62 14.12 13.33
CA TYR A 97 3.07 14.03 12.00
C TYR A 97 2.30 15.34 11.71
N PHE A 98 2.80 16.12 10.74
CA PHE A 98 2.15 17.36 10.28
C PHE A 98 2.15 17.28 8.75
N PRO A 99 1.13 16.60 8.15
CA PRO A 99 1.13 16.44 6.68
C PRO A 99 0.98 17.75 5.89
N SER B 6 -20.86 6.22 21.33
CA SER B 6 -20.71 5.14 22.31
C SER B 6 -19.98 3.92 21.70
N GLU B 7 -18.87 3.47 22.34
CA GLU B 7 -18.07 2.32 21.89
C GLU B 7 -18.53 1.00 22.55
N THR B 8 -18.61 -0.10 21.76
CA THR B 8 -19.05 -1.42 22.24
C THR B 8 -17.86 -2.38 22.47
N GLN B 9 -17.55 -2.64 23.74
CA GLN B 9 -16.46 -3.54 24.13
C GLN B 9 -16.99 -4.92 24.56
N GLU B 10 -18.23 -4.99 25.07
CA GLU B 10 -18.86 -6.21 25.60
C GLU B 10 -20.37 -6.17 25.45
N CYS B 11 -20.97 -7.36 25.31
CA CYS B 11 -22.41 -7.55 25.15
C CYS B 11 -22.91 -8.67 26.07
N LEU B 12 -24.21 -8.68 26.31
CA LEU B 12 -24.80 -9.81 27.02
C LEU B 12 -24.89 -10.95 25.98
N PHE B 13 -24.62 -12.18 26.42
CA PHE B 13 -24.63 -13.36 25.56
C PHE B 13 -25.76 -14.27 25.96
N PHE B 14 -26.46 -14.76 24.95
CA PHE B 14 -27.51 -15.74 25.11
C PHE B 14 -27.58 -16.66 23.90
N ASN B 15 -27.76 -17.96 24.17
CA ASN B 15 -28.01 -18.96 23.16
C ASN B 15 -29.02 -19.97 23.66
N ALA B 16 -30.25 -19.90 23.17
CA ALA B 16 -31.32 -20.86 23.53
C ALA B 16 -30.97 -22.23 22.97
N ASN B 17 -30.26 -22.26 21.85
CA ASN B 17 -29.82 -23.47 21.17
C ASN B 17 -28.39 -23.91 21.54
N TRP B 18 -27.94 -23.59 22.79
CA TRP B 18 -26.60 -23.87 23.31
C TRP B 18 -26.22 -25.35 23.26
N GLU B 19 -27.19 -26.27 23.50
CA GLU B 19 -26.96 -27.72 23.46
C GLU B 19 -26.51 -28.15 22.06
N LYS B 20 -27.35 -27.90 21.03
CA LYS B 20 -27.07 -28.20 19.62
C LYS B 20 -25.84 -27.42 19.10
N ASP B 21 -25.74 -26.09 19.40
CA ASP B 21 -24.64 -25.24 18.96
C ASP B 21 -23.30 -25.51 19.70
N ARG B 22 -23.33 -26.30 20.80
CA ARG B 22 -22.20 -26.64 21.67
C ARG B 22 -21.56 -25.38 22.29
N THR B 23 -22.40 -24.42 22.75
CA THR B 23 -21.99 -23.16 23.42
C THR B 23 -22.51 -23.14 24.87
N ASN B 24 -22.24 -22.05 25.60
CA ASN B 24 -22.76 -21.79 26.93
C ASN B 24 -24.14 -21.16 26.72
N GLN B 25 -25.05 -21.24 27.70
CA GLN B 25 -26.39 -20.66 27.47
C GLN B 25 -26.39 -19.13 27.64
N THR B 26 -25.58 -18.67 28.59
CA THR B 26 -25.47 -17.34 29.15
C THR B 26 -24.00 -16.87 29.23
N GLY B 27 -23.81 -15.55 29.30
CA GLY B 27 -22.51 -14.95 29.49
C GLY B 27 -22.38 -13.51 29.06
N VAL B 28 -21.15 -12.99 29.18
CA VAL B 28 -20.75 -11.67 28.74
C VAL B 28 -19.72 -11.94 27.64
N GLU B 29 -20.04 -11.47 26.43
CA GLU B 29 -19.23 -11.67 25.22
C GLU B 29 -18.40 -10.44 24.89
N PRO B 30 -17.06 -10.56 24.82
CA PRO B 30 -16.25 -9.40 24.42
C PRO B 30 -16.29 -9.22 22.91
N CYS B 31 -16.54 -7.99 22.44
CA CYS B 31 -16.57 -7.62 21.03
C CYS B 31 -15.18 -7.05 20.80
N TYR B 32 -14.37 -7.70 19.99
CA TYR B 32 -13.00 -7.23 19.89
C TYR B 32 -12.86 -6.08 18.89
N GLY B 33 -13.27 -4.90 19.36
CA GLY B 33 -13.22 -3.67 18.61
C GLY B 33 -11.92 -2.91 18.77
N ASP B 34 -11.87 -1.72 18.15
CA ASP B 34 -10.75 -0.77 18.16
C ASP B 34 -11.30 0.55 17.60
N LYS B 35 -10.41 1.50 17.26
CA LYS B 35 -10.77 2.80 16.67
C LYS B 35 -11.34 2.57 15.25
N ASP B 36 -10.80 1.57 14.53
CA ASP B 36 -11.20 1.22 13.16
C ASP B 36 -12.04 -0.09 13.07
N LYS B 37 -12.50 -0.63 14.23
CA LYS B 37 -13.34 -1.83 14.31
C LYS B 37 -14.64 -1.53 15.08
N ARG B 38 -15.67 -1.03 14.35
CA ARG B 38 -16.95 -0.66 14.96
C ARG B 38 -17.77 -1.89 15.29
N ARG B 39 -18.19 -1.99 16.55
CA ARG B 39 -18.93 -3.14 17.07
C ARG B 39 -20.27 -2.74 17.68
N HIS B 40 -21.19 -3.69 17.70
CA HIS B 40 -22.53 -3.47 18.22
C HIS B 40 -22.93 -4.70 19.03
N CYS B 41 -24.07 -4.62 19.74
CA CYS B 41 -24.69 -5.75 20.46
C CYS B 41 -25.97 -6.00 19.72
N PHE B 42 -26.51 -7.19 19.86
CA PHE B 42 -27.81 -7.50 19.26
C PHE B 42 -28.63 -8.36 20.26
N ALA B 43 -29.95 -8.37 20.07
CA ALA B 43 -30.88 -9.24 20.78
C ALA B 43 -31.86 -9.74 19.73
N THR B 44 -32.23 -11.01 19.84
CA THR B 44 -33.21 -11.64 18.95
C THR B 44 -34.18 -12.43 19.86
N TRP B 45 -35.49 -12.35 19.55
CA TRP B 45 -36.51 -12.98 20.37
C TRP B 45 -37.77 -13.30 19.62
N LYS B 46 -38.61 -14.12 20.23
CA LYS B 46 -39.96 -14.45 19.78
C LYS B 46 -40.93 -13.74 20.74
N ASN B 47 -42.12 -13.40 20.25
CA ASN B 47 -43.12 -12.72 21.05
C ASN B 47 -44.43 -13.41 20.72
N ILE B 48 -44.84 -14.33 21.60
CA ILE B 48 -46.07 -15.11 21.44
C ILE B 48 -47.17 -14.44 22.24
N SER B 49 -47.86 -13.47 21.58
CA SER B 49 -48.94 -12.64 22.09
C SER B 49 -48.63 -12.03 23.48
N GLY B 50 -47.47 -11.38 23.58
CA GLY B 50 -47.03 -10.74 24.82
C GLY B 50 -45.93 -11.47 25.55
N SER B 51 -45.89 -12.81 25.42
CA SER B 51 -44.91 -13.67 26.06
C SER B 51 -43.57 -13.72 25.30
N ILE B 52 -42.53 -13.15 25.91
CA ILE B 52 -41.23 -13.07 25.25
C ILE B 52 -40.32 -14.31 25.55
N GLU B 53 -39.68 -14.82 24.50
CA GLU B 53 -38.74 -15.94 24.54
C GLU B 53 -37.50 -15.52 23.80
N ILE B 54 -36.39 -15.42 24.52
CA ILE B 54 -35.14 -14.98 23.92
C ILE B 54 -34.54 -16.09 23.06
N VAL B 55 -34.07 -15.72 21.89
CA VAL B 55 -33.47 -16.68 20.96
C VAL B 55 -31.95 -16.59 21.13
N LYS B 56 -31.39 -15.39 20.93
CA LYS B 56 -29.94 -15.14 20.99
C LYS B 56 -29.62 -13.69 21.36
N GLN B 57 -28.44 -13.50 21.98
CA GLN B 57 -27.87 -12.21 22.32
C GLN B 57 -26.34 -12.32 22.15
N GLY B 58 -25.72 -11.24 21.72
CA GLY B 58 -24.28 -11.20 21.55
C GLY B 58 -23.78 -9.98 20.82
N CYS B 59 -22.52 -10.05 20.39
CA CYS B 59 -21.81 -9.03 19.60
C CYS B 59 -22.25 -9.13 18.17
N TRP B 60 -22.23 -7.99 17.47
CA TRP B 60 -22.67 -7.86 16.09
C TRP B 60 -21.65 -6.96 15.35
N LEU B 61 -21.24 -7.37 14.14
CA LEU B 61 -20.24 -6.61 13.41
C LEU B 61 -20.79 -5.34 12.79
N ASP B 62 -19.89 -4.36 12.55
CA ASP B 62 -20.13 -3.08 11.90
C ASP B 62 -21.30 -3.20 10.91
N ASP B 63 -22.39 -2.50 11.21
CA ASP B 63 -23.66 -2.53 10.49
C ASP B 63 -24.32 -1.15 10.56
N ILE B 64 -24.54 -0.50 9.39
CA ILE B 64 -25.16 0.85 9.31
C ILE B 64 -26.59 0.92 9.91
N ASN B 65 -27.27 -0.23 10.09
CA ASN B 65 -28.59 -0.33 10.76
C ASN B 65 -28.48 -0.06 12.25
N CYS B 66 -27.29 -0.27 12.84
CA CYS B 66 -27.03 -0.12 14.28
C CYS B 66 -26.36 1.18 14.70
N TYR B 67 -25.87 1.98 13.73
CA TYR B 67 -25.14 3.22 14.06
C TYR B 67 -25.91 4.20 14.96
N ASP B 68 -25.24 4.66 16.02
CA ASP B 68 -25.71 5.70 16.95
C ASP B 68 -27.02 5.36 17.67
N ARG B 69 -27.30 4.07 17.83
CA ARG B 69 -28.50 3.60 18.51
C ARG B 69 -28.09 3.06 19.87
N THR B 70 -28.42 3.80 20.95
CA THR B 70 -28.11 3.40 22.32
C THR B 70 -29.18 2.45 22.85
N ASP B 71 -30.43 2.57 22.35
CA ASP B 71 -31.51 1.64 22.71
C ASP B 71 -31.61 0.54 21.66
N CYS B 72 -31.96 -0.67 22.09
CA CYS B 72 -32.16 -1.85 21.24
C CYS B 72 -33.67 -1.93 20.89
N VAL B 73 -34.04 -1.42 19.69
CA VAL B 73 -35.45 -1.35 19.24
C VAL B 73 -35.69 -2.07 17.89
N GLU B 74 -36.68 -2.99 17.87
CA GLU B 74 -37.14 -3.65 16.65
C GLU B 74 -38.24 -2.72 16.07
N LYS B 75 -37.98 -2.16 14.87
CA LYS B 75 -38.90 -1.22 14.21
C LYS B 75 -39.68 -1.84 13.04
N LYS B 76 -39.36 -3.12 12.70
CA LYS B 76 -40.07 -3.84 11.64
C LYS B 76 -41.43 -4.29 12.16
N ASP B 77 -42.47 -4.08 11.36
CA ASP B 77 -43.87 -4.43 11.67
C ASP B 77 -44.11 -5.94 11.67
N SER B 78 -44.59 -6.46 12.81
CA SER B 78 -44.94 -7.86 13.09
C SER B 78 -43.95 -8.91 12.48
N PRO B 79 -42.66 -8.97 12.93
CA PRO B 79 -41.76 -10.00 12.36
C PRO B 79 -42.03 -11.36 12.99
N GLU B 80 -41.55 -12.46 12.36
CA GLU B 80 -41.69 -13.80 12.94
C GLU B 80 -40.70 -13.89 14.13
N VAL B 81 -39.46 -13.47 13.89
CA VAL B 81 -38.37 -13.41 14.88
C VAL B 81 -37.91 -11.95 14.95
N TYR B 82 -37.99 -11.37 16.14
CA TYR B 82 -37.62 -9.99 16.38
C TYR B 82 -36.13 -9.84 16.52
N PHE B 83 -35.60 -8.72 15.99
CA PHE B 83 -34.18 -8.42 16.03
C PHE B 83 -33.99 -6.95 16.33
N CYS B 84 -32.96 -6.64 17.12
CA CYS B 84 -32.50 -5.27 17.38
C CYS B 84 -30.99 -5.26 17.58
N CYS B 85 -30.38 -4.12 17.32
CA CYS B 85 -28.96 -3.94 17.55
C CYS B 85 -28.71 -2.51 18.08
N CYS B 86 -27.64 -2.34 18.81
CA CYS B 86 -27.32 -1.08 19.48
C CYS B 86 -25.83 -0.96 19.70
N GLU B 87 -25.40 0.22 20.17
CA GLU B 87 -24.04 0.57 20.53
C GLU B 87 -24.00 0.87 22.02
N GLY B 88 -22.87 0.55 22.64
CA GLY B 88 -22.65 0.75 24.07
C GLY B 88 -22.60 -0.58 24.80
N ASN B 89 -21.77 -0.69 25.83
CA ASN B 89 -21.59 -1.90 26.62
C ASN B 89 -22.87 -2.36 27.25
N MET B 90 -23.26 -3.62 26.98
CA MET B 90 -24.45 -4.27 27.57
C MET B 90 -25.77 -3.60 27.20
N CYS B 91 -25.85 -2.97 26.00
CA CYS B 91 -27.03 -2.24 25.53
C CYS B 91 -28.19 -3.21 25.11
N ASN B 92 -27.84 -4.46 24.72
CA ASN B 92 -28.78 -5.50 24.30
C ASN B 92 -29.51 -6.19 25.50
N GLU B 93 -29.24 -5.68 26.72
CA GLU B 93 -29.78 -6.17 27.98
C GLU B 93 -31.27 -5.84 28.17
N LYS B 94 -31.70 -4.74 27.55
CA LYS B 94 -33.05 -4.17 27.47
C LYS B 94 -33.35 -4.06 26.00
N PHE B 95 -34.55 -4.44 25.59
CA PHE B 95 -34.94 -4.40 24.19
C PHE B 95 -36.42 -4.11 24.11
N SER B 96 -36.87 -3.55 22.98
CA SER B 96 -38.27 -3.20 22.79
C SER B 96 -38.72 -3.32 21.34
N TYR B 97 -40.01 -3.09 21.14
CA TYR B 97 -40.68 -3.18 19.87
C TYR B 97 -41.50 -1.90 19.66
N PHE B 98 -41.11 -1.09 18.64
CA PHE B 98 -41.82 0.12 18.23
C PHE B 98 -41.95 0.04 16.71
N PRO B 99 -43.00 -0.66 16.21
CA PRO B 99 -43.13 -0.83 14.75
C PRO B 99 -43.36 0.48 13.99
N GLU B 100 -42.61 0.70 12.90
CA GLU B 100 -42.69 1.90 12.07
C GLU B 100 -43.78 1.74 11.03
N PCA C 1 36.70 -0.92 5.39
CA PCA C 1 36.10 0.31 4.87
CB PCA C 1 37.01 0.58 3.61
CG PCA C 1 37.28 -0.84 3.05
CD PCA C 1 37.16 -1.69 4.30
OE PCA C 1 37.43 -2.93 4.31
C PCA C 1 34.66 0.10 4.36
O PCA C 1 34.15 -1.02 4.42
N VAL C 2 34.04 1.17 3.85
CA VAL C 2 32.69 1.10 3.28
C VAL C 2 32.72 0.33 1.94
N GLN C 3 31.83 -0.69 1.80
CA GLN C 3 31.75 -1.48 0.57
C GLN C 3 30.33 -1.79 0.17
N LEU C 4 30.06 -1.74 -1.13
CA LEU C 4 28.77 -2.10 -1.72
C LEU C 4 29.12 -3.17 -2.73
N VAL C 5 28.81 -4.43 -2.39
CA VAL C 5 29.18 -5.59 -3.22
C VAL C 5 27.95 -6.09 -3.94
N GLN C 6 27.98 -6.03 -5.27
CA GLN C 6 26.86 -6.40 -6.12
C GLN C 6 26.95 -7.84 -6.64
N SER C 7 25.79 -8.39 -7.07
CA SER C 7 25.69 -9.73 -7.64
C SER C 7 26.33 -9.72 -9.06
N GLY C 8 26.52 -10.91 -9.63
CA GLY C 8 27.20 -11.13 -10.89
C GLY C 8 26.39 -10.81 -12.13
N ALA C 9 27.10 -10.71 -13.29
CA ALA C 9 26.54 -10.37 -14.61
C ALA C 9 25.39 -11.27 -15.00
N GLU C 10 24.40 -10.73 -15.73
CA GLU C 10 23.24 -11.52 -16.15
C GLU C 10 22.91 -11.33 -17.60
N VAL C 11 22.45 -12.41 -18.24
CA VAL C 11 22.04 -12.37 -19.64
C VAL C 11 20.56 -12.73 -19.67
N LYS C 12 19.73 -11.85 -20.23
CA LYS C 12 18.29 -12.04 -20.27
C LYS C 12 17.73 -11.86 -21.65
N LYS C 13 16.53 -12.42 -21.86
CA LYS C 13 15.79 -12.32 -23.11
C LYS C 13 14.77 -11.18 -22.98
N PRO C 14 14.35 -10.53 -24.11
CA PRO C 14 13.30 -9.51 -24.02
C PRO C 14 12.01 -10.08 -23.40
N GLY C 15 11.38 -9.30 -22.53
CA GLY C 15 10.15 -9.67 -21.84
C GLY C 15 10.36 -10.22 -20.44
N ALA C 16 11.59 -10.71 -20.15
CA ALA C 16 11.98 -11.30 -18.87
C ALA C 16 12.27 -10.24 -17.82
N SER C 17 12.58 -10.67 -16.58
CA SER C 17 12.93 -9.83 -15.44
C SER C 17 14.34 -10.14 -14.97
N VAL C 18 14.95 -9.19 -14.31
CA VAL C 18 16.26 -9.30 -13.69
C VAL C 18 16.20 -8.72 -12.28
N LYS C 19 16.83 -9.39 -11.33
CA LYS C 19 16.89 -8.89 -9.96
C LYS C 19 18.37 -8.78 -9.63
N VAL C 20 18.83 -7.56 -9.38
CA VAL C 20 20.22 -7.25 -9.01
C VAL C 20 20.27 -7.05 -7.48
N SER C 21 21.32 -7.58 -6.82
CA SER C 21 21.50 -7.44 -5.37
C SER C 21 22.74 -6.60 -5.05
N CYS C 22 22.70 -5.92 -3.90
CA CYS C 22 23.73 -5.00 -3.44
C CYS C 22 23.90 -5.19 -1.93
N LYS C 23 25.02 -5.79 -1.52
CA LYS C 23 25.30 -6.01 -0.10
C LYS C 23 26.17 -4.92 0.47
N ALA C 24 25.71 -4.28 1.56
CA ALA C 24 26.48 -3.23 2.24
C ALA C 24 27.27 -3.75 3.39
N SER C 25 28.49 -3.23 3.57
CA SER C 25 29.36 -3.55 4.70
C SER C 25 30.27 -2.36 4.98
N GLY C 26 30.82 -2.33 6.19
CA GLY C 26 31.71 -1.29 6.68
C GLY C 26 31.00 -0.07 7.21
N TYR C 27 29.66 -0.14 7.32
CA TYR C 27 28.79 0.94 7.85
C TYR C 27 27.43 0.31 8.19
N THR C 28 26.57 1.03 8.92
CA THR C 28 25.23 0.57 9.28
C THR C 28 24.28 0.81 8.10
N PHE C 29 23.85 -0.27 7.45
CA PHE C 29 22.97 -0.25 6.28
C PHE C 29 21.74 0.68 6.46
N THR C 30 21.14 0.64 7.64
CA THR C 30 19.93 1.38 7.98
C THR C 30 20.18 2.84 8.38
N SER C 31 21.43 3.36 8.19
CA SER C 31 21.78 4.76 8.49
C SER C 31 21.67 5.65 7.24
N SER C 32 21.37 5.08 6.07
CA SER C 32 21.24 5.94 4.88
C SER C 32 20.45 5.27 3.80
N TYR C 33 20.12 6.03 2.74
CA TYR C 33 19.45 5.53 1.52
C TYR C 33 20.33 4.61 0.69
N ILE C 34 19.71 3.92 -0.26
CA ILE C 34 20.41 3.21 -1.33
C ILE C 34 19.83 3.79 -2.63
N ASN C 35 20.69 4.28 -3.50
CA ASN C 35 20.33 4.75 -4.84
C ASN C 35 20.75 3.73 -5.89
N TRP C 36 19.97 3.69 -6.98
CA TRP C 36 20.22 2.84 -8.13
C TRP C 36 20.40 3.69 -9.35
N VAL C 37 21.46 3.39 -10.11
CA VAL C 37 21.83 4.13 -11.33
C VAL C 37 22.15 3.11 -12.40
N ARG C 38 21.89 3.43 -13.66
CA ARG C 38 22.34 2.54 -14.73
C ARG C 38 23.14 3.32 -15.80
N GLN C 39 23.95 2.59 -16.57
CA GLN C 39 24.75 3.16 -17.64
C GLN C 39 24.82 2.18 -18.83
N ALA C 40 24.20 2.56 -19.96
CA ALA C 40 24.24 1.78 -21.18
C ALA C 40 25.67 1.86 -21.79
N PRO C 41 26.15 0.81 -22.52
CA PRO C 41 27.49 0.87 -23.12
C PRO C 41 27.76 2.14 -23.91
N GLY C 42 28.82 2.84 -23.52
CA GLY C 42 29.25 4.10 -24.13
C GLY C 42 28.37 5.30 -23.84
N GLN C 43 27.40 5.17 -22.92
CA GLN C 43 26.46 6.26 -22.61
C GLN C 43 26.62 6.79 -21.18
N GLY C 44 25.81 7.79 -20.79
CA GLY C 44 25.90 8.44 -19.50
C GLY C 44 25.15 7.77 -18.36
N LEU C 45 25.41 8.25 -17.14
CA LEU C 45 24.77 7.74 -15.93
C LEU C 45 23.30 8.20 -15.92
N GLU C 46 22.42 7.31 -15.50
CA GLU C 46 20.99 7.59 -15.46
C GLU C 46 20.42 7.09 -14.14
N TRP C 47 19.81 7.99 -13.39
CA TRP C 47 19.22 7.68 -12.11
C TRP C 47 17.97 6.81 -12.28
N MET C 48 17.85 5.78 -11.47
CA MET C 48 16.70 4.88 -11.52
C MET C 48 15.71 5.09 -10.41
N GLY C 49 16.23 5.33 -9.21
CA GLY C 49 15.40 5.49 -8.04
C GLY C 49 16.19 5.33 -6.76
N THR C 50 15.49 5.56 -5.63
CA THR C 50 16.03 5.47 -4.28
C THR C 50 15.11 4.66 -3.40
N ILE C 51 15.73 3.95 -2.45
CA ILE C 51 15.02 3.25 -1.40
C ILE C 51 15.50 3.78 -0.04
N ASN C 52 14.55 3.95 0.89
CA ASN C 52 14.87 4.26 2.27
C ASN C 52 14.85 2.88 2.99
N PRO C 53 16.00 2.32 3.43
CA PRO C 53 15.97 0.98 4.04
C PRO C 53 15.27 0.84 5.39
N VAL C 54 15.03 1.95 6.13
CA VAL C 54 14.38 1.83 7.45
C VAL C 54 12.86 1.86 7.34
N SER C 55 12.31 2.61 6.38
CA SER C 55 10.87 2.70 6.15
C SER C 55 10.43 1.73 5.04
N GLY C 56 11.34 1.45 4.10
CA GLY C 56 11.10 0.61 2.93
C GLY C 56 10.47 1.40 1.79
N SER C 57 10.34 2.73 1.99
CA SER C 57 9.78 3.68 1.04
C SER C 57 10.72 3.88 -0.17
N THR C 58 10.15 4.10 -1.35
CA THR C 58 10.89 4.22 -2.60
C THR C 58 10.38 5.39 -3.43
N SER C 59 11.23 5.88 -4.34
CA SER C 59 10.92 6.91 -5.34
C SER C 59 11.62 6.43 -6.57
N TYR C 60 10.90 6.34 -7.70
CA TYR C 60 11.43 5.87 -8.98
C TYR C 60 11.42 6.97 -10.02
N ALA C 61 12.42 6.93 -10.93
CA ALA C 61 12.48 7.88 -12.04
C ALA C 61 11.29 7.55 -12.95
N GLN C 62 10.65 8.58 -13.52
CA GLN C 62 9.52 8.49 -14.42
C GLN C 62 9.70 7.41 -15.50
N LYS C 63 10.92 7.32 -16.06
CA LYS C 63 11.29 6.37 -17.12
C LYS C 63 11.06 4.90 -16.71
N PHE C 64 11.27 4.56 -15.42
CA PHE C 64 11.19 3.18 -14.94
C PHE C 64 9.92 2.84 -14.17
N GLN C 65 9.05 3.83 -13.87
CA GLN C 65 7.77 3.64 -13.15
C GLN C 65 6.97 2.51 -13.75
N GLY C 66 6.53 1.58 -12.92
CA GLY C 66 5.75 0.45 -13.38
C GLY C 66 6.55 -0.77 -13.79
N ARG C 67 7.87 -0.60 -13.99
CA ARG C 67 8.81 -1.65 -14.42
C ARG C 67 9.86 -2.01 -13.35
N VAL C 68 10.19 -1.07 -12.49
CA VAL C 68 11.20 -1.26 -11.44
C VAL C 68 10.56 -1.48 -10.06
N THR C 69 11.18 -2.36 -9.25
CA THR C 69 10.80 -2.65 -7.87
C THR C 69 12.09 -2.65 -7.05
N MET C 70 12.15 -1.77 -6.05
CA MET C 70 13.29 -1.73 -5.13
C MET C 70 12.84 -2.22 -3.76
N THR C 71 13.56 -3.19 -3.22
CA THR C 71 13.30 -3.82 -1.93
C THR C 71 14.62 -3.93 -1.16
N ARG C 72 14.56 -4.37 0.09
CA ARG C 72 15.75 -4.57 0.90
C ARG C 72 15.48 -5.65 1.95
N ASP C 73 16.54 -6.23 2.49
CA ASP C 73 16.48 -7.18 3.60
C ASP C 73 17.50 -6.63 4.59
N THR C 74 17.00 -5.98 5.67
CA THR C 74 17.87 -5.34 6.67
C THR C 74 18.68 -6.35 7.44
N SER C 75 18.18 -7.58 7.59
CA SER C 75 18.87 -8.63 8.35
C SER C 75 20.19 -9.09 7.71
N ILE C 76 20.35 -8.87 6.39
CA ILE C 76 21.55 -9.25 5.62
C ILE C 76 22.17 -8.04 4.89
N SER C 77 21.72 -6.79 5.26
CA SER C 77 22.21 -5.52 4.71
C SER C 77 22.24 -5.52 3.16
N THR C 78 21.17 -6.05 2.56
CA THR C 78 21.09 -6.16 1.10
C THR C 78 19.88 -5.39 0.54
N ALA C 79 20.11 -4.62 -0.55
CA ALA C 79 19.11 -3.91 -1.33
C ALA C 79 19.03 -4.65 -2.66
N TYR C 80 17.84 -4.67 -3.22
CA TYR C 80 17.53 -5.33 -4.47
C TYR C 80 16.84 -4.39 -5.40
N MET C 81 17.16 -4.51 -6.67
CA MET C 81 16.52 -3.73 -7.71
C MET C 81 16.10 -4.78 -8.74
N GLU C 82 14.78 -4.87 -8.98
CA GLU C 82 14.21 -5.72 -10.00
C GLU C 82 13.67 -4.85 -11.16
N LEU C 83 14.07 -5.17 -12.39
CA LEU C 83 13.59 -4.49 -13.61
C LEU C 83 12.86 -5.53 -14.49
N SER C 84 11.58 -5.24 -14.82
CA SER C 84 10.68 -6.13 -15.55
C SER C 84 10.48 -5.69 -16.97
N ARG C 85 9.81 -6.56 -17.78
CA ARG C 85 9.45 -6.35 -19.21
C ARG C 85 10.68 -5.83 -19.97
N LEU C 86 11.81 -6.53 -19.81
CA LEU C 86 13.10 -6.14 -20.41
C LEU C 86 13.07 -6.00 -21.92
N ARG C 87 13.80 -4.99 -22.41
CA ARG C 87 14.00 -4.73 -23.84
C ARG C 87 15.50 -4.63 -24.08
N SER C 88 15.97 -4.83 -25.33
CA SER C 88 17.42 -4.80 -25.65
C SER C 88 18.11 -3.52 -25.21
N ASP C 89 17.41 -2.35 -25.25
CA ASP C 89 18.01 -1.09 -24.80
C ASP C 89 18.04 -0.99 -23.24
N ASP C 90 17.77 -2.10 -22.52
CA ASP C 90 17.93 -2.14 -21.06
C ASP C 90 19.33 -2.70 -20.75
N THR C 91 20.12 -3.06 -21.82
CA THR C 91 21.50 -3.53 -21.71
C THR C 91 22.28 -2.37 -21.13
N ALA C 92 22.81 -2.58 -19.93
CA ALA C 92 23.51 -1.53 -19.19
C ALA C 92 24.20 -2.17 -17.99
N VAL C 93 25.10 -1.39 -17.38
CA VAL C 93 25.73 -1.70 -16.11
C VAL C 93 24.83 -0.98 -15.06
N TYR C 94 24.35 -1.75 -14.07
CA TYR C 94 23.49 -1.29 -13.01
C TYR C 94 24.32 -1.14 -11.74
N TYR C 95 24.34 0.05 -11.18
CA TYR C 95 25.06 0.38 -9.96
C TYR C 95 24.14 0.67 -8.79
N CYS C 96 24.56 0.31 -7.58
CA CYS C 96 23.92 0.76 -6.36
C CYS C 96 24.95 1.77 -5.75
N ALA C 97 24.45 2.73 -4.98
CA ALA C 97 25.30 3.76 -4.37
C ALA C 97 24.72 4.16 -3.05
N ARG C 98 25.60 4.52 -2.11
CA ARG C 98 25.18 4.87 -0.76
C ARG C 98 24.77 6.32 -0.59
N GLY C 99 23.62 6.51 0.03
CA GLY C 99 23.11 7.82 0.44
C GLY C 99 22.68 8.74 -0.66
N GLY C 100 22.26 9.94 -0.23
CA GLY C 100 21.80 10.99 -1.13
C GLY C 100 22.89 11.60 -1.98
N TRP C 101 24.15 11.50 -1.50
CA TRP C 101 25.33 12.02 -2.22
C TRP C 101 26.00 11.00 -3.13
N PHE C 102 25.58 9.73 -3.11
CA PHE C 102 26.18 8.60 -3.87
C PHE C 102 27.68 8.60 -3.53
N ASP C 103 28.00 8.64 -2.23
CA ASP C 103 29.39 8.80 -1.80
C ASP C 103 30.22 7.53 -1.99
N TYR C 104 29.56 6.37 -2.10
CA TYR C 104 30.23 5.09 -2.38
C TYR C 104 29.39 4.36 -3.39
N TRP C 105 30.05 3.74 -4.38
CA TRP C 105 29.37 3.01 -5.44
C TRP C 105 29.73 1.54 -5.39
N GLY C 106 28.79 0.68 -5.78
CA GLY C 106 29.04 -0.74 -5.99
C GLY C 106 29.85 -0.89 -7.27
N GLN C 107 30.38 -2.10 -7.54
CA GLN C 107 31.25 -2.33 -8.71
C GLN C 107 30.47 -2.35 -10.04
N GLY C 108 29.15 -2.45 -9.93
CA GLY C 108 28.24 -2.53 -11.06
C GLY C 108 27.93 -3.97 -11.45
N THR C 109 26.75 -4.18 -12.05
CA THR C 109 26.28 -5.46 -12.57
C THR C 109 25.89 -5.26 -14.00
N LEU C 110 26.55 -5.98 -14.92
CA LEU C 110 26.17 -5.94 -16.33
C LEU C 110 24.99 -6.85 -16.56
N VAL C 111 23.92 -6.28 -17.10
CA VAL C 111 22.72 -7.01 -17.51
C VAL C 111 22.66 -6.83 -19.04
N THR C 112 22.80 -7.93 -19.78
CA THR C 112 22.75 -7.93 -21.23
C THR C 112 21.37 -8.46 -21.65
N VAL C 113 20.67 -7.70 -22.50
CA VAL C 113 19.36 -8.10 -23.02
C VAL C 113 19.53 -8.35 -24.52
N SER C 114 19.55 -9.63 -24.88
CA SER C 114 19.77 -10.09 -26.25
C SER C 114 18.47 -10.25 -27.05
N PCA D 1 -7.29 -17.01 9.94
CA PCA D 1 -7.98 -15.81 9.47
CB PCA D 1 -7.23 -15.53 8.16
CG PCA D 1 -6.97 -16.94 7.58
CD PCA D 1 -6.91 -17.80 8.86
OE PCA D 1 -6.58 -19.02 8.87
C PCA D 1 -9.46 -16.09 9.13
O PCA D 1 -9.93 -17.22 9.26
N VAL D 2 -10.18 -15.05 8.68
CA VAL D 2 -11.59 -15.18 8.26
C VAL D 2 -11.66 -15.96 6.93
N GLN D 3 -12.53 -16.99 6.87
CA GLN D 3 -12.70 -17.82 5.66
C GLN D 3 -14.15 -18.19 5.44
N LEU D 4 -14.56 -18.18 4.17
CA LEU D 4 -15.89 -18.59 3.74
C LEU D 4 -15.60 -19.67 2.70
N VAL D 5 -15.83 -20.92 3.07
CA VAL D 5 -15.50 -22.07 2.22
C VAL D 5 -16.79 -22.61 1.64
N GLN D 6 -16.88 -22.58 0.30
CA GLN D 6 -18.06 -23.00 -0.42
C GLN D 6 -17.99 -24.44 -0.94
N SER D 7 -19.15 -25.03 -1.24
CA SER D 7 -19.26 -26.38 -1.81
C SER D 7 -18.75 -26.35 -3.27
N GLY D 8 -18.55 -27.54 -3.84
CA GLY D 8 -17.98 -27.73 -5.18
C GLY D 8 -18.91 -27.44 -6.34
N ALA D 9 -18.33 -27.33 -7.55
CA ALA D 9 -19.04 -27.04 -8.80
C ALA D 9 -20.18 -28.01 -9.09
N GLU D 10 -21.26 -27.51 -9.72
CA GLU D 10 -22.43 -28.35 -10.02
C GLU D 10 -22.91 -28.19 -11.42
N VAL D 11 -23.37 -29.27 -12.01
CA VAL D 11 -23.91 -29.27 -13.36
C VAL D 11 -25.36 -29.72 -13.24
N LYS D 12 -26.28 -28.89 -13.73
CA LYS D 12 -27.70 -29.14 -13.61
C LYS D 12 -28.40 -28.99 -14.93
N LYS D 13 -29.58 -29.62 -15.04
CA LYS D 13 -30.45 -29.56 -16.20
C LYS D 13 -31.50 -28.46 -15.98
N PRO D 14 -32.05 -27.84 -17.06
CA PRO D 14 -33.10 -26.84 -16.87
C PRO D 14 -34.32 -27.45 -16.14
N GLY D 15 -34.88 -26.71 -15.20
CA GLY D 15 -36.02 -27.15 -14.40
C GLY D 15 -35.64 -27.71 -13.04
N ALA D 16 -34.38 -28.10 -12.86
CA ALA D 16 -33.86 -28.67 -11.61
C ALA D 16 -33.52 -27.59 -10.59
N SER D 17 -33.09 -28.00 -9.38
CA SER D 17 -32.69 -27.13 -8.26
C SER D 17 -31.23 -27.38 -7.93
N VAL D 18 -30.62 -26.40 -7.30
CA VAL D 18 -29.24 -26.43 -6.83
C VAL D 18 -29.21 -25.84 -5.42
N LYS D 19 -28.47 -26.49 -4.52
CA LYS D 19 -28.27 -25.97 -3.17
C LYS D 19 -26.79 -25.77 -3.00
N VAL D 20 -26.36 -24.50 -2.81
CA VAL D 20 -24.95 -24.14 -2.60
C VAL D 20 -24.74 -23.92 -1.08
N SER D 21 -23.62 -24.42 -0.54
CA SER D 21 -23.29 -24.25 0.88
C SER D 21 -22.06 -23.33 1.08
N CYS D 22 -22.00 -22.64 2.22
CA CYS D 22 -20.97 -21.68 2.56
C CYS D 22 -20.64 -21.85 4.04
N LYS D 23 -19.45 -22.40 4.34
CA LYS D 23 -19.02 -22.60 5.73
C LYS D 23 -18.12 -21.46 6.19
N ALA D 24 -18.49 -20.83 7.31
CA ALA D 24 -17.70 -19.75 7.89
C ALA D 24 -16.75 -20.25 8.97
N SER D 25 -15.54 -19.68 9.00
CA SER D 25 -14.55 -19.95 10.05
C SER D 25 -13.67 -18.71 10.23
N GLY D 26 -12.98 -18.65 11.37
CA GLY D 26 -12.09 -17.57 11.76
C GLY D 26 -12.78 -16.36 12.35
N TYR D 27 -14.11 -16.48 12.61
CA TYR D 27 -14.97 -15.45 13.22
C TYR D 27 -16.24 -16.12 13.70
N THR D 28 -17.05 -15.41 14.52
CA THR D 28 -18.34 -15.91 15.03
C THR D 28 -19.41 -15.72 13.94
N PHE D 29 -19.87 -16.83 13.35
CA PHE D 29 -20.88 -16.84 12.27
C PHE D 29 -22.10 -15.97 12.58
N THR D 30 -22.58 -16.01 13.83
CA THR D 30 -23.77 -15.31 14.29
C THR D 30 -23.50 -13.83 14.67
N SER D 31 -22.31 -13.28 14.32
CA SER D 31 -21.98 -11.87 14.56
C SER D 31 -22.26 -11.00 13.32
N SER D 32 -22.69 -11.59 12.21
CA SER D 32 -23.02 -10.75 11.03
C SER D 32 -23.90 -11.46 10.06
N TYR D 33 -24.35 -10.75 9.01
CA TYR D 33 -25.13 -11.28 7.87
C TYR D 33 -24.29 -12.17 6.96
N ILE D 34 -24.97 -12.89 6.09
CA ILE D 34 -24.37 -13.59 4.95
C ILE D 34 -25.11 -13.05 3.72
N ASN D 35 -24.36 -12.55 2.75
CA ASN D 35 -24.87 -12.10 1.45
C ASN D 35 -24.54 -13.11 0.37
N TRP D 36 -25.41 -13.19 -0.65
CA TRP D 36 -25.26 -14.04 -1.80
C TRP D 36 -25.22 -13.20 -3.04
N VAL D 37 -24.23 -13.47 -3.89
CA VAL D 37 -24.01 -12.72 -5.13
C VAL D 37 -23.76 -13.74 -6.23
N ARG D 38 -24.14 -13.43 -7.47
CA ARG D 38 -23.77 -14.32 -8.57
C ARG D 38 -23.11 -13.53 -9.71
N GLN D 39 -22.35 -14.23 -10.56
CA GLN D 39 -21.65 -13.64 -11.70
C GLN D 39 -21.66 -14.61 -12.88
N ALA D 40 -22.39 -14.26 -13.95
CA ALA D 40 -22.44 -15.08 -15.16
C ALA D 40 -21.08 -14.96 -15.90
N PRO D 41 -20.65 -15.99 -16.66
CA PRO D 41 -19.37 -15.89 -17.38
C PRO D 41 -19.23 -14.63 -18.22
N GLY D 42 -18.17 -13.87 -17.95
CA GLY D 42 -17.88 -12.61 -18.63
C GLY D 42 -18.76 -11.43 -18.24
N GLN D 43 -19.63 -11.60 -17.22
CA GLN D 43 -20.55 -10.53 -16.84
C GLN D 43 -20.26 -9.98 -15.41
N GLY D 44 -21.06 -9.00 -14.96
CA GLY D 44 -20.86 -8.35 -13.67
C GLY D 44 -21.49 -9.04 -12.47
N LEU D 45 -21.17 -8.53 -11.29
CA LEU D 45 -21.69 -9.04 -10.02
C LEU D 45 -23.16 -8.66 -9.90
N GLU D 46 -23.96 -9.57 -9.37
CA GLU D 46 -25.39 -9.36 -9.20
C GLU D 46 -25.80 -9.86 -7.84
N TRP D 47 -26.36 -8.94 -7.02
CA TRP D 47 -26.82 -9.28 -5.67
C TRP D 47 -28.05 -10.19 -5.73
N MET D 48 -28.05 -11.23 -4.91
CA MET D 48 -29.17 -12.18 -4.83
C MET D 48 -30.05 -11.99 -3.62
N GLY D 49 -29.42 -11.72 -2.49
CA GLY D 49 -30.14 -11.59 -1.24
C GLY D 49 -29.22 -11.71 -0.05
N THR D 50 -29.79 -11.50 1.16
CA THR D 50 -29.10 -11.55 2.45
C THR D 50 -29.89 -12.38 3.43
N ILE D 51 -29.15 -13.06 4.31
CA ILE D 51 -29.73 -13.77 5.45
C ILE D 51 -29.13 -13.20 6.75
N ASN D 52 -29.99 -13.06 7.77
CA ASN D 52 -29.55 -12.69 9.10
C ASN D 52 -29.46 -14.04 9.86
N PRO D 53 -28.24 -14.56 10.18
CA PRO D 53 -28.15 -15.88 10.84
C PRO D 53 -28.70 -16.01 12.25
N VAL D 54 -28.88 -14.89 13.00
CA VAL D 54 -29.38 -14.97 14.37
C VAL D 54 -30.92 -14.93 14.44
N SER D 55 -31.59 -14.27 13.49
CA SER D 55 -33.04 -14.23 13.45
C SER D 55 -33.60 -15.23 12.43
N GLY D 56 -32.82 -15.56 11.41
CA GLY D 56 -33.22 -16.43 10.30
C GLY D 56 -33.88 -15.67 9.16
N SER D 57 -34.04 -14.37 9.35
CA SER D 57 -34.71 -13.46 8.43
C SER D 57 -33.90 -13.27 7.13
N THR D 58 -34.61 -13.12 5.99
CA THR D 58 -34.02 -12.99 4.66
C THR D 58 -34.63 -11.86 3.88
N SER D 59 -33.89 -11.33 2.89
CA SER D 59 -34.35 -10.33 1.93
C SER D 59 -33.76 -10.82 0.62
N TYR D 60 -34.60 -10.93 -0.42
CA TYR D 60 -34.19 -11.39 -1.74
C TYR D 60 -34.34 -10.30 -2.76
N ALA D 61 -33.44 -10.29 -3.79
CA ALA D 61 -33.54 -9.34 -4.90
C ALA D 61 -34.82 -9.71 -5.65
N GLN D 62 -35.56 -8.70 -6.12
CA GLN D 62 -36.84 -8.86 -6.85
C GLN D 62 -36.76 -9.95 -7.95
N LYS D 63 -35.64 -9.99 -8.67
CA LYS D 63 -35.37 -10.96 -9.74
C LYS D 63 -35.47 -12.45 -9.25
N PHE D 64 -35.22 -12.73 -7.95
CA PHE D 64 -35.20 -14.10 -7.40
C PHE D 64 -36.33 -14.47 -6.44
N GLN D 65 -37.20 -13.51 -6.05
CA GLN D 65 -38.36 -13.73 -5.16
C GLN D 65 -39.24 -14.83 -5.75
N GLY D 66 -39.36 -15.96 -5.06
CA GLY D 66 -40.14 -17.10 -5.51
C GLY D 66 -39.34 -18.31 -6.00
N ARG D 67 -38.04 -18.12 -6.30
CA ARG D 67 -37.13 -19.16 -6.82
C ARG D 67 -35.96 -19.46 -5.87
N VAL D 68 -35.58 -18.47 -5.04
CA VAL D 68 -34.44 -18.58 -4.12
C VAL D 68 -34.91 -18.80 -2.66
N THR D 69 -34.17 -19.64 -1.92
CA THR D 69 -34.38 -19.93 -0.51
C THR D 69 -33.02 -19.86 0.18
N MET D 70 -32.89 -18.97 1.17
CA MET D 70 -31.67 -18.86 1.94
C MET D 70 -31.94 -19.35 3.35
N THR D 71 -31.11 -20.30 3.81
CA THR D 71 -31.22 -20.90 5.15
C THR D 71 -29.81 -20.95 5.76
N ARG D 72 -29.70 -21.42 7.00
CA ARG D 72 -28.43 -21.59 7.69
C ARG D 72 -28.57 -22.61 8.80
N ASP D 73 -27.42 -23.15 9.23
CA ASP D 73 -27.32 -24.07 10.34
C ASP D 73 -26.23 -23.46 11.20
N THR D 74 -26.63 -22.83 12.33
CA THR D 74 -25.69 -22.14 13.22
C THR D 74 -24.75 -23.10 13.91
N SER D 75 -25.17 -24.36 14.12
CA SER D 75 -24.36 -25.37 14.81
C SER D 75 -23.11 -25.79 14.03
N ILE D 76 -23.10 -25.57 12.70
CA ILE D 76 -21.98 -25.92 11.81
C ILE D 76 -21.50 -24.68 11.02
N SER D 77 -21.95 -23.45 11.42
CA SER D 77 -21.57 -22.17 10.82
C SER D 77 -21.73 -22.17 9.28
N THR D 78 -22.82 -22.75 8.80
CA THR D 78 -23.07 -22.88 7.37
C THR D 78 -24.35 -22.16 6.93
N ALA D 79 -24.28 -21.42 5.81
CA ALA D 79 -25.38 -20.75 5.13
C ALA D 79 -25.59 -21.53 3.82
N TYR D 80 -26.82 -21.57 3.38
CA TYR D 80 -27.23 -22.27 2.17
C TYR D 80 -28.07 -21.38 1.30
N MET D 81 -27.87 -21.50 0.00
CA MET D 81 -28.63 -20.76 -0.99
C MET D 81 -29.13 -21.84 -1.95
N GLU D 82 -30.46 -21.99 -2.04
CA GLU D 82 -31.11 -22.89 -2.97
C GLU D 82 -31.80 -22.07 -4.06
N LEU D 83 -31.53 -22.39 -5.34
CA LEU D 83 -32.16 -21.75 -6.50
C LEU D 83 -32.91 -22.84 -7.29
N SER D 84 -34.22 -22.63 -7.50
CA SER D 84 -35.13 -23.56 -8.16
C SER D 84 -35.48 -23.15 -9.58
N ARG D 85 -36.14 -24.07 -10.32
CA ARG D 85 -36.64 -23.88 -11.70
C ARG D 85 -35.53 -23.30 -12.57
N LEU D 86 -34.34 -23.94 -12.53
CA LEU D 86 -33.15 -23.46 -13.23
C LEU D 86 -33.32 -23.32 -14.74
N ARG D 87 -32.72 -22.27 -15.30
CA ARG D 87 -32.68 -21.98 -16.72
C ARG D 87 -31.23 -21.79 -17.12
N SER D 88 -30.92 -21.87 -18.42
CA SER D 88 -29.55 -21.77 -18.92
C SER D 88 -28.85 -20.47 -18.49
N ASP D 89 -29.58 -19.36 -18.45
CA ASP D 89 -29.00 -18.10 -18.03
C ASP D 89 -28.81 -18.01 -16.49
N ASP D 90 -28.95 -19.15 -15.76
CA ASP D 90 -28.64 -19.21 -14.34
C ASP D 90 -27.18 -19.70 -14.19
N THR D 91 -26.52 -20.04 -15.32
CA THR D 91 -25.10 -20.46 -15.37
C THR D 91 -24.31 -19.27 -14.89
N ALA D 92 -23.66 -19.43 -13.74
CA ALA D 92 -22.92 -18.38 -13.09
C ALA D 92 -22.08 -18.97 -11.96
N VAL D 93 -21.14 -18.15 -11.45
CA VAL D 93 -20.39 -18.42 -10.24
C VAL D 93 -21.20 -17.73 -9.12
N TYR D 94 -21.55 -18.52 -8.09
CA TYR D 94 -22.33 -18.09 -6.94
C TYR D 94 -21.38 -17.91 -5.76
N TYR D 95 -21.36 -16.69 -5.22
CA TYR D 95 -20.53 -16.34 -4.07
C TYR D 95 -21.35 -16.09 -2.82
N CYS D 96 -20.79 -16.42 -1.66
CA CYS D 96 -21.32 -15.97 -0.38
C CYS D 96 -20.28 -14.92 0.10
N ALA D 97 -20.73 -13.96 0.91
CA ALA D 97 -19.85 -12.90 1.41
C ALA D 97 -20.31 -12.52 2.79
N ARG D 98 -19.36 -12.10 3.63
CA ARG D 98 -19.65 -11.76 5.02
C ARG D 98 -20.09 -10.32 5.21
N GLY D 99 -21.17 -10.17 5.95
CA GLY D 99 -21.68 -8.87 6.39
C GLY D 99 -22.26 -7.97 5.35
N GLY D 100 -22.68 -6.79 5.81
CA GLY D 100 -23.28 -5.74 4.97
C GLY D 100 -22.31 -5.12 4.00
N TRP D 101 -21.00 -5.19 4.35
CA TRP D 101 -19.92 -4.63 3.52
C TRP D 101 -19.29 -5.62 2.56
N PHE D 102 -19.67 -6.93 2.62
CA PHE D 102 -19.10 -8.02 1.80
C PHE D 102 -17.59 -7.97 1.99
N ASP D 103 -17.13 -7.88 3.27
CA ASP D 103 -15.70 -7.67 3.56
C ASP D 103 -14.84 -8.92 3.29
N TYR D 104 -15.47 -10.11 3.24
CA TYR D 104 -14.79 -11.35 2.89
C TYR D 104 -15.70 -12.13 1.98
N TRP D 105 -15.14 -12.73 0.93
CA TRP D 105 -15.91 -13.50 -0.05
C TRP D 105 -15.48 -14.95 -0.05
N GLY D 106 -16.42 -15.84 -0.34
CA GLY D 106 -16.13 -17.27 -0.54
C GLY D 106 -15.42 -17.41 -1.88
N GLN D 107 -14.88 -18.61 -2.21
CA GLN D 107 -14.14 -18.80 -3.47
C GLN D 107 -15.05 -18.87 -4.69
N GLY D 108 -16.35 -19.02 -4.43
CA GLY D 108 -17.36 -19.14 -5.47
C GLY D 108 -17.65 -20.57 -5.82
N THR D 109 -18.87 -20.84 -6.30
CA THR D 109 -19.33 -22.13 -6.77
C THR D 109 -19.87 -21.96 -8.16
N LEU D 110 -19.27 -22.65 -9.12
CA LEU D 110 -19.77 -22.65 -10.49
C LEU D 110 -20.96 -23.61 -10.58
N VAL D 111 -22.10 -23.08 -11.02
CA VAL D 111 -23.29 -23.86 -11.31
C VAL D 111 -23.49 -23.70 -12.84
N THR D 112 -23.37 -24.78 -13.59
CA THR D 112 -23.59 -24.80 -15.03
C THR D 112 -24.96 -25.40 -15.30
N VAL D 113 -25.81 -24.69 -16.06
CA VAL D 113 -27.13 -25.19 -16.47
C VAL D 113 -27.10 -25.44 -18.02
N SER D 114 -27.06 -26.74 -18.42
CA SER D 114 -26.98 -27.29 -19.79
C SER D 114 -25.96 -26.59 -20.70
N SER E 2 14.41 17.81 -13.95
CA SER E 2 14.86 18.63 -15.09
C SER E 2 16.32 18.33 -15.46
N ALA E 3 16.66 18.36 -16.77
CA ALA E 3 17.98 18.05 -17.29
C ALA E 3 19.10 19.00 -16.83
N LEU E 4 20.29 18.43 -16.66
CA LEU E 4 21.52 19.15 -16.35
C LEU E 4 22.37 19.06 -17.63
N THR E 5 22.79 20.19 -18.16
CA THR E 5 23.55 20.22 -19.41
C THR E 5 25.01 20.42 -19.11
N GLN E 6 25.85 19.56 -19.70
CA GLN E 6 27.29 19.63 -19.59
C GLN E 6 27.90 19.71 -20.99
N PRO E 7 29.09 20.32 -21.22
CA PRO E 7 29.71 20.22 -22.56
C PRO E 7 30.09 18.75 -22.81
N ALA E 8 30.05 18.26 -24.06
CA ALA E 8 30.40 16.84 -24.30
C ALA E 8 31.88 16.57 -23.98
N SER E 9 32.75 17.58 -24.18
CA SER E 9 34.16 17.39 -23.96
C SER E 9 34.93 18.65 -23.75
N VAL E 10 36.09 18.51 -23.08
CA VAL E 10 37.08 19.56 -22.81
C VAL E 10 38.48 18.92 -22.94
N SER E 11 39.47 19.72 -23.36
CA SER E 11 40.88 19.29 -23.45
C SER E 11 41.76 20.33 -22.80
N GLY E 12 42.75 19.85 -22.07
CA GLY E 12 43.74 20.68 -21.41
C GLY E 12 45.13 20.13 -21.55
N SER E 13 46.11 20.96 -21.28
CA SER E 13 47.53 20.60 -21.28
C SER E 13 47.90 20.21 -19.82
N PRO E 14 48.95 19.38 -19.60
CA PRO E 14 49.36 19.09 -18.22
C PRO E 14 49.78 20.33 -17.43
N GLY E 15 49.37 20.39 -16.16
CA GLY E 15 49.68 21.45 -15.22
C GLY E 15 48.75 22.65 -15.20
N GLN E 16 47.88 22.78 -16.21
CA GLN E 16 46.96 23.91 -16.27
C GLN E 16 45.70 23.68 -15.41
N SER E 17 44.86 24.73 -15.31
CA SER E 17 43.53 24.68 -14.70
C SER E 17 42.48 24.59 -15.82
N ILE E 18 41.39 23.92 -15.54
CA ILE E 18 40.27 23.75 -16.46
C ILE E 18 38.95 23.66 -15.69
N THR E 19 37.86 24.12 -16.31
CA THR E 19 36.51 24.12 -15.76
C THR E 19 35.56 23.30 -16.62
N ILE E 20 34.67 22.63 -15.93
CA ILE E 20 33.62 21.81 -16.49
C ILE E 20 32.37 22.39 -15.83
N SER E 21 31.41 22.80 -16.65
CA SER E 21 30.16 23.38 -16.22
C SER E 21 28.98 22.39 -16.24
N CYS E 22 27.99 22.71 -15.43
CA CYS E 22 26.79 21.90 -15.28
C CYS E 22 25.64 22.87 -15.14
N THR E 23 24.85 23.04 -16.20
CA THR E 23 23.76 24.02 -16.22
C THR E 23 22.37 23.40 -16.04
N GLY E 24 21.61 23.94 -15.08
CA GLY E 24 20.23 23.55 -14.80
C GLY E 24 19.31 24.75 -14.95
N THR E 25 18.33 24.85 -14.07
CA THR E 25 17.38 25.97 -14.08
C THR E 25 17.35 26.62 -12.68
N SER E 26 16.66 27.76 -12.58
CA SER E 26 16.56 28.51 -11.33
C SER E 26 15.88 27.71 -10.23
N SER E 27 15.02 26.74 -10.60
CA SER E 27 14.30 25.92 -9.63
C SER E 27 15.06 24.66 -9.17
N ASP E 28 16.25 24.39 -9.73
CA ASP E 28 17.04 23.25 -9.27
C ASP E 28 18.46 23.72 -8.83
N VAL E 29 19.43 23.87 -9.78
CA VAL E 29 20.79 24.36 -9.55
C VAL E 29 20.75 25.76 -8.93
N GLY E 30 19.90 26.64 -9.46
CA GLY E 30 19.78 28.01 -8.94
C GLY E 30 19.15 28.13 -7.56
N SER E 31 18.54 27.06 -7.04
CA SER E 31 17.84 27.08 -5.75
C SER E 31 18.47 26.27 -4.62
N TYR E 32 19.28 25.27 -4.96
CA TYR E 32 19.83 24.36 -3.97
C TYR E 32 21.32 24.16 -4.12
N ASN E 33 22.00 23.89 -3.01
CA ASN E 33 23.44 23.59 -2.92
C ASN E 33 23.63 22.07 -2.86
N TYR E 34 23.11 21.38 -3.85
CA TYR E 34 23.07 19.91 -3.84
C TYR E 34 23.66 19.26 -5.09
N VAL E 35 24.56 19.97 -5.80
CA VAL E 35 25.19 19.53 -7.05
C VAL E 35 26.48 18.82 -6.69
N ASN E 36 26.64 17.62 -7.23
CA ASN E 36 27.76 16.72 -6.98
C ASN E 36 28.48 16.39 -8.29
N TRP E 37 29.76 16.08 -8.17
CA TRP E 37 30.65 15.77 -9.28
C TRP E 37 31.25 14.38 -9.08
N TYR E 38 31.19 13.56 -10.14
CA TYR E 38 31.70 12.19 -10.18
C TYR E 38 32.71 12.03 -11.26
N GLN E 39 33.80 11.32 -10.96
CA GLN E 39 34.82 10.98 -11.92
C GLN E 39 34.64 9.51 -12.28
N GLN E 40 34.70 9.17 -13.57
CA GLN E 40 34.59 7.78 -14.00
C GLN E 40 35.64 7.42 -15.05
N HIS E 41 36.53 6.51 -14.70
CA HIS E 41 37.55 5.97 -15.60
C HIS E 41 36.89 4.86 -16.42
N PRO E 42 37.33 4.62 -17.68
CA PRO E 42 36.70 3.58 -18.52
C PRO E 42 36.72 2.22 -17.86
N GLY E 43 35.57 1.58 -17.79
CA GLY E 43 35.41 0.25 -17.20
C GLY E 43 35.37 0.25 -15.69
N LYS E 44 35.30 1.43 -15.04
CA LYS E 44 35.28 1.51 -13.57
C LYS E 44 33.99 2.17 -13.09
N ALA E 45 33.69 2.01 -11.80
CA ALA E 45 32.51 2.63 -11.20
C ALA E 45 32.76 4.13 -10.99
N PRO E 46 31.74 5.02 -11.01
CA PRO E 46 32.01 6.42 -10.70
C PRO E 46 32.55 6.61 -9.27
N LYS E 47 33.29 7.69 -9.03
CA LYS E 47 33.88 8.04 -7.74
C LYS E 47 33.44 9.47 -7.41
N LEU E 48 32.93 9.70 -6.20
CA LEU E 48 32.50 11.05 -5.77
C LEU E 48 33.71 11.97 -5.58
N MET E 49 33.74 13.11 -6.27
CA MET E 49 34.85 14.05 -6.16
C MET E 49 34.48 15.25 -5.33
N ILE E 50 33.27 15.78 -5.55
CA ILE E 50 32.77 16.99 -4.91
C ILE E 50 31.28 16.77 -4.62
N TYR E 51 30.82 17.16 -3.44
CA TYR E 51 29.40 17.09 -3.09
C TYR E 51 28.94 18.41 -2.49
N GLY E 52 27.64 18.67 -2.58
CA GLY E 52 27.05 19.89 -2.02
C GLY E 52 27.72 21.12 -2.57
N VAL E 53 27.90 21.15 -3.93
CA VAL E 53 28.52 22.22 -4.73
C VAL E 53 30.06 22.29 -4.56
N SER E 54 30.54 22.41 -3.33
CA SER E 54 31.96 22.67 -3.05
C SER E 54 32.63 21.82 -1.96
N LYS E 55 31.91 20.84 -1.36
CA LYS E 55 32.50 20.04 -0.29
C LYS E 55 33.29 18.88 -0.87
N ARG E 56 34.45 18.64 -0.34
CA ARG E 56 35.36 17.61 -0.83
C ARG E 56 35.44 16.44 0.15
N PRO E 57 35.17 15.17 -0.27
CA PRO E 57 35.33 14.03 0.67
C PRO E 57 36.81 13.82 1.03
N SER E 58 37.06 13.08 2.14
CA SER E 58 38.42 12.71 2.56
C SER E 58 38.99 11.81 1.47
N GLY E 59 40.28 11.97 1.17
CA GLY E 59 40.92 11.14 0.17
C GLY E 59 40.84 11.66 -1.25
N VAL E 60 40.14 12.80 -1.43
CA VAL E 60 40.00 13.44 -2.74
C VAL E 60 41.03 14.56 -2.80
N SER E 61 41.86 14.57 -3.87
CA SER E 61 42.91 15.56 -4.11
C SER E 61 42.31 16.98 -4.02
N ASN E 62 43.05 17.93 -3.44
CA ASN E 62 42.54 19.31 -3.36
C ASN E 62 42.76 20.11 -4.67
N ARG E 63 43.12 19.39 -5.77
CA ARG E 63 43.22 19.92 -7.13
C ARG E 63 41.80 19.99 -7.72
N PHE E 64 40.83 19.34 -7.04
CA PHE E 64 39.42 19.32 -7.40
C PHE E 64 38.62 20.31 -6.56
N SER E 65 37.95 21.27 -7.20
CA SER E 65 37.14 22.24 -6.43
C SER E 65 35.82 22.52 -7.13
N GLY E 66 34.80 22.87 -6.34
CA GLY E 66 33.49 23.15 -6.89
C GLY E 66 32.96 24.50 -6.49
N SER E 67 32.15 25.10 -7.38
CA SER E 67 31.51 26.41 -7.20
C SER E 67 30.19 26.46 -8.00
N LYS E 68 29.41 27.52 -7.80
CA LYS E 68 28.12 27.74 -8.45
C LYS E 68 27.95 29.23 -8.59
N SER E 69 27.26 29.65 -9.65
CA SER E 69 26.91 31.03 -9.95
C SER E 69 25.63 30.90 -10.80
N GLY E 70 24.52 31.45 -10.30
CA GLY E 70 23.23 31.33 -10.98
C GLY E 70 22.78 29.89 -11.13
N ASN E 71 22.47 29.48 -12.36
CA ASN E 71 21.99 28.13 -12.71
C ASN E 71 23.08 27.19 -13.16
N THR E 72 24.34 27.58 -12.98
CA THR E 72 25.51 26.81 -13.39
C THR E 72 26.46 26.48 -12.24
N ALA E 73 26.70 25.17 -12.04
CA ALA E 73 27.69 24.66 -11.10
C ALA E 73 28.96 24.32 -11.93
N SER E 74 30.16 24.60 -11.35
CA SER E 74 31.41 24.33 -12.05
C SER E 74 32.40 23.54 -11.24
N LEU E 75 32.99 22.53 -11.89
CA LEU E 75 34.08 21.76 -11.37
C LEU E 75 35.39 22.33 -11.97
N THR E 76 36.35 22.67 -11.09
CA THR E 76 37.66 23.17 -11.50
C THR E 76 38.69 22.13 -11.13
N ILE E 77 39.53 21.76 -12.09
CA ILE E 77 40.65 20.84 -11.91
C ILE E 77 41.92 21.63 -12.20
N SER E 78 42.79 21.70 -11.18
CA SER E 78 44.08 22.41 -11.22
C SER E 78 45.18 21.38 -11.31
N GLY E 79 46.38 21.83 -11.68
CA GLY E 79 47.54 20.95 -11.85
C GLY E 79 47.21 19.71 -12.68
N LEU E 80 46.44 19.89 -13.76
CA LEU E 80 45.99 18.84 -14.67
C LEU E 80 47.03 17.76 -14.93
N GLN E 81 46.69 16.54 -14.55
CA GLN E 81 47.54 15.35 -14.64
C GLN E 81 46.91 14.37 -15.60
N ALA E 82 47.73 13.44 -16.14
CA ALA E 82 47.33 12.37 -17.05
C ALA E 82 46.19 11.52 -16.46
N GLU E 83 46.26 11.22 -15.14
CA GLU E 83 45.31 10.42 -14.39
C GLU E 83 43.94 11.07 -14.30
N ASP E 84 43.85 12.40 -14.54
CA ASP E 84 42.61 13.15 -14.53
C ASP E 84 41.75 12.88 -15.76
N GLU E 85 42.33 12.28 -16.80
CA GLU E 85 41.63 11.95 -18.03
C GLU E 85 40.60 10.85 -17.70
N ALA E 86 39.31 11.21 -17.82
CA ALA E 86 38.15 10.39 -17.47
C ALA E 86 36.90 11.13 -17.93
N ASP E 87 35.71 10.57 -17.61
CA ASP E 87 34.41 11.21 -17.80
C ASP E 87 33.97 11.82 -16.48
N TYR E 88 33.45 13.04 -16.53
CA TYR E 88 32.94 13.76 -15.36
C TYR E 88 31.44 14.03 -15.50
N TYR E 89 30.67 13.59 -14.50
CA TYR E 89 29.23 13.77 -14.46
C TYR E 89 28.89 14.63 -13.31
N CYS E 90 27.93 15.52 -13.51
CA CYS E 90 27.36 16.26 -12.41
C CYS E 90 26.04 15.54 -12.10
N GLY E 91 25.59 15.69 -10.88
CA GLY E 91 24.35 15.07 -10.44
C GLY E 91 23.80 15.83 -9.25
N THR E 92 22.54 15.55 -8.88
CA THR E 92 21.94 16.19 -7.71
C THR E 92 21.65 15.14 -6.64
N PHE E 93 21.50 15.60 -5.39
CA PHE E 93 21.14 14.75 -4.25
C PHE E 93 19.85 13.97 -4.59
N ALA E 94 19.81 12.65 -4.27
CA ALA E 94 18.65 11.78 -4.50
C ALA E 94 18.32 11.06 -3.19
N GLY E 95 17.14 11.36 -2.64
CA GLY E 95 16.61 10.82 -1.40
C GLY E 95 15.51 11.71 -0.82
N GLY E 96 14.51 11.10 -0.17
CA GLY E 96 13.37 11.80 0.42
C GLY E 96 12.58 12.59 -0.62
N SER E 97 12.54 13.92 -0.49
CA SER E 97 11.83 14.86 -1.37
C SER E 97 12.55 15.09 -2.68
N TYR E 98 13.84 14.72 -2.76
CA TYR E 98 14.72 14.99 -3.89
C TYR E 98 14.88 13.83 -4.83
N TYR E 99 14.62 14.08 -6.10
CA TYR E 99 14.71 13.11 -7.19
C TYR E 99 16.01 13.35 -7.94
N GLY E 100 16.73 12.27 -8.18
CA GLY E 100 18.02 12.36 -8.84
C GLY E 100 17.97 12.63 -10.33
N VAL E 101 19.03 13.24 -10.80
CA VAL E 101 19.27 13.57 -12.19
C VAL E 101 20.77 13.72 -12.36
N PHE E 102 21.31 13.11 -13.42
CA PHE E 102 22.71 13.27 -13.80
C PHE E 102 22.81 14.10 -15.09
N GLY E 103 23.92 14.82 -15.24
CA GLY E 103 24.24 15.56 -16.45
C GLY E 103 24.71 14.54 -17.48
N GLY E 104 24.78 14.92 -18.75
CA GLY E 104 25.17 14.00 -19.82
C GLY E 104 26.59 13.48 -19.79
N GLY E 105 27.45 14.10 -18.97
CA GLY E 105 28.86 13.73 -18.85
C GLY E 105 29.77 14.53 -19.78
N THR E 106 30.98 14.75 -19.31
CA THR E 106 32.01 15.47 -20.05
C THR E 106 33.25 14.65 -20.06
N LYS E 107 33.71 14.33 -21.25
CA LYS E 107 34.94 13.61 -21.46
C LYS E 107 36.09 14.64 -21.36
N LEU E 108 36.97 14.47 -20.36
CA LEU E 108 38.16 15.31 -20.21
C LEU E 108 39.37 14.63 -20.87
N THR E 109 40.06 15.32 -21.80
CA THR E 109 41.26 14.83 -22.49
C THR E 109 42.45 15.67 -22.04
N VAL E 110 43.56 15.02 -21.71
CA VAL E 110 44.82 15.68 -21.37
C VAL E 110 45.74 15.57 -22.60
N LEU E 111 46.02 16.71 -23.29
CA LEU E 111 46.79 16.83 -24.53
C LEU E 111 48.29 16.77 -24.31
N TRP E 112 48.94 15.84 -25.02
CA TRP E 112 50.39 15.67 -24.98
C TRP E 112 51.08 16.29 -26.17
N SER F 2 -31.96 0.77 -7.25
CA SER F 2 -31.66 1.57 -8.45
C SER F 2 -30.22 1.29 -8.94
N ALA F 3 -30.00 1.33 -10.27
CA ALA F 3 -28.73 1.06 -10.92
C ALA F 3 -27.59 2.02 -10.57
N LEU F 4 -26.39 1.48 -10.52
CA LEU F 4 -25.15 2.23 -10.29
C LEU F 4 -24.41 2.14 -11.61
N THR F 5 -24.03 3.28 -12.19
CA THR F 5 -23.36 3.28 -13.48
C THR F 5 -21.89 3.57 -13.30
N GLN F 6 -21.08 2.79 -14.00
CA GLN F 6 -19.63 2.94 -13.99
C GLN F 6 -19.15 3.03 -15.42
N PRO F 7 -18.03 3.71 -15.75
CA PRO F 7 -17.49 3.61 -17.15
C PRO F 7 -17.06 2.16 -17.41
N ALA F 8 -17.21 1.66 -18.63
CA ALA F 8 -16.84 0.26 -18.92
C ALA F 8 -15.35 0.02 -18.75
N SER F 9 -14.54 1.06 -19.04
CA SER F 9 -13.11 0.91 -18.93
C SER F 9 -12.36 2.21 -18.74
N VAL F 10 -11.19 2.09 -18.09
CA VAL F 10 -10.28 3.18 -17.78
C VAL F 10 -8.86 2.67 -17.98
N SER F 11 -7.93 3.59 -18.29
CA SER F 11 -6.52 3.30 -18.52
C SER F 11 -5.70 4.42 -17.92
N GLY F 12 -4.47 4.11 -17.58
CA GLY F 12 -3.54 5.08 -17.04
C GLY F 12 -2.13 4.60 -17.19
N SER F 13 -1.21 5.53 -17.03
CA SER F 13 0.22 5.24 -17.15
C SER F 13 0.71 4.80 -15.78
N PRO F 14 1.76 3.95 -15.68
CA PRO F 14 2.21 3.54 -14.33
C PRO F 14 2.72 4.74 -13.51
N GLY F 15 2.41 4.77 -12.21
CA GLY F 15 2.84 5.83 -11.31
C GLY F 15 1.88 7.00 -11.20
N GLN F 16 0.91 7.03 -12.12
CA GLN F 16 -0.13 8.06 -12.21
C GLN F 16 -1.35 7.70 -11.39
N SER F 17 -2.18 8.71 -11.06
CA SER F 17 -3.42 8.53 -10.35
C SER F 17 -4.51 8.33 -11.34
N ILE F 18 -5.40 7.42 -11.04
CA ILE F 18 -6.50 7.05 -11.92
C ILE F 18 -7.78 6.94 -11.07
N THR F 19 -8.93 7.41 -11.60
CA THR F 19 -10.20 7.37 -10.91
C THR F 19 -11.22 6.45 -11.58
N ILE F 20 -12.07 5.74 -10.79
CA ILE F 20 -13.17 4.91 -11.28
C ILE F 20 -14.43 5.46 -10.57
N SER F 21 -15.36 6.06 -11.34
CA SER F 21 -16.57 6.66 -10.79
C SER F 21 -17.75 5.66 -10.74
N CYS F 22 -18.67 5.94 -9.84
CA CYS F 22 -19.85 5.13 -9.60
C CYS F 22 -20.98 6.07 -9.40
N THR F 23 -21.88 6.18 -10.38
CA THR F 23 -22.99 7.12 -10.32
C THR F 23 -24.33 6.46 -10.02
N GLY F 24 -25.04 7.01 -9.03
CA GLY F 24 -26.39 6.60 -8.69
C GLY F 24 -27.34 7.77 -8.78
N THR F 25 -28.25 7.87 -7.83
CA THR F 25 -29.21 8.97 -7.77
C THR F 25 -29.16 9.63 -6.39
N SER F 26 -29.85 10.75 -6.25
CA SER F 26 -29.89 11.51 -5.01
C SER F 26 -30.47 10.71 -3.84
N SER F 27 -31.32 9.72 -4.11
CA SER F 27 -31.95 8.90 -3.08
C SER F 27 -31.11 7.65 -2.68
N ASP F 28 -29.97 7.40 -3.32
CA ASP F 28 -29.10 6.29 -2.91
C ASP F 28 -27.68 6.78 -2.60
N VAL F 29 -26.79 6.89 -3.63
CA VAL F 29 -25.41 7.40 -3.49
C VAL F 29 -25.41 8.82 -2.90
N GLY F 30 -26.36 9.64 -3.32
CA GLY F 30 -26.48 11.03 -2.88
C GLY F 30 -26.92 11.21 -1.46
N SER F 31 -27.57 10.18 -0.86
CA SER F 31 -28.15 10.19 0.48
C SER F 31 -27.40 9.40 1.55
N TYR F 32 -26.59 8.42 1.15
CA TYR F 32 -25.93 7.53 2.09
C TYR F 32 -24.46 7.38 1.82
N ASN F 33 -23.68 7.15 2.90
CA ASN F 33 -22.24 6.91 2.84
C ASN F 33 -21.98 5.40 2.91
N TYR F 34 -22.57 4.66 1.96
CA TYR F 34 -22.55 3.21 2.01
C TYR F 34 -22.05 2.55 0.74
N VAL F 35 -21.24 3.28 -0.06
CA VAL F 35 -20.71 2.81 -1.34
C VAL F 35 -19.36 2.14 -1.09
N ASN F 36 -19.23 0.93 -1.60
CA ASN F 36 -18.05 0.07 -1.45
C ASN F 36 -17.45 -0.26 -2.80
N TRP F 37 -16.14 -0.53 -2.80
CA TRP F 37 -15.34 -0.82 -3.97
C TRP F 37 -14.70 -2.19 -3.84
N TYR F 38 -14.82 -3.01 -4.90
CA TYR F 38 -14.28 -4.39 -4.96
C TYR F 38 -13.38 -4.52 -6.14
N GLN F 39 -12.24 -5.18 -5.93
CA GLN F 39 -11.27 -5.50 -6.96
C GLN F 39 -11.42 -6.97 -7.30
N GLN F 40 -11.47 -7.30 -8.60
CA GLN F 40 -11.55 -8.69 -9.02
C GLN F 40 -10.57 -9.00 -10.15
N HIS F 41 -9.59 -9.88 -9.86
CA HIS F 41 -8.64 -10.38 -10.85
C HIS F 41 -9.34 -11.52 -11.60
N PRO F 42 -9.02 -11.74 -12.89
CA PRO F 42 -9.71 -12.79 -13.67
C PRO F 42 -9.57 -14.15 -13.04
N GLY F 43 -10.70 -14.83 -12.87
CA GLY F 43 -10.74 -16.17 -12.27
C GLY F 43 -10.66 -16.19 -10.76
N LYS F 44 -10.71 -15.01 -10.10
CA LYS F 44 -10.62 -14.92 -8.65
C LYS F 44 -11.88 -14.31 -8.06
N ALA F 45 -12.07 -14.47 -6.74
CA ALA F 45 -13.22 -13.89 -6.06
C ALA F 45 -12.98 -12.40 -5.86
N PRO F 46 -14.04 -11.55 -5.77
CA PRO F 46 -13.80 -10.12 -5.48
C PRO F 46 -13.12 -9.93 -4.10
N LYS F 47 -12.43 -8.81 -3.92
CA LYS F 47 -11.77 -8.42 -2.69
C LYS F 47 -12.21 -7.00 -2.35
N LEU F 48 -12.65 -6.76 -1.10
CA LEU F 48 -13.06 -5.42 -0.63
C LEU F 48 -11.85 -4.47 -0.55
N MET F 49 -11.92 -3.33 -1.25
CA MET F 49 -10.83 -2.36 -1.24
C MET F 49 -11.17 -1.14 -0.39
N ILE F 50 -12.40 -0.66 -0.50
CA ILE F 50 -12.88 0.53 0.17
C ILE F 50 -14.33 0.27 0.58
N TYR F 51 -14.71 0.66 1.80
CA TYR F 51 -16.10 0.56 2.28
C TYR F 51 -16.55 1.88 2.90
N GLY F 52 -17.86 2.12 2.91
CA GLY F 52 -18.43 3.33 3.49
C GLY F 52 -17.86 4.58 2.87
N VAL F 53 -17.77 4.58 1.49
CA VAL F 53 -17.25 5.66 0.63
C VAL F 53 -15.73 5.77 0.70
N SER F 54 -15.16 5.92 1.90
CA SER F 54 -13.72 6.23 2.09
C SER F 54 -12.95 5.41 3.12
N LYS F 55 -13.58 4.42 3.76
CA LYS F 55 -12.88 3.64 4.79
C LYS F 55 -12.11 2.50 4.14
N ARG F 56 -10.89 2.28 4.58
CA ARG F 56 -10.01 1.28 4.03
C ARG F 56 -9.81 0.13 5.01
N PRO F 57 -10.05 -1.15 4.60
CA PRO F 57 -9.77 -2.27 5.51
C PRO F 57 -8.27 -2.46 5.72
N SER F 58 -7.88 -3.16 6.83
CA SER F 58 -6.48 -3.47 7.14
C SER F 58 -5.97 -4.37 6.03
N GLY F 59 -4.72 -4.18 5.63
CA GLY F 59 -4.13 -4.97 4.56
C GLY F 59 -4.33 -4.45 3.15
N VAL F 60 -5.06 -3.33 3.00
CA VAL F 60 -5.24 -2.70 1.68
C VAL F 60 -4.27 -1.52 1.59
N SER F 61 -3.52 -1.45 0.50
CA SER F 61 -2.58 -0.38 0.19
C SER F 61 -3.27 1.02 0.36
N ASN F 62 -2.54 2.02 0.86
CA ASN F 62 -3.13 3.34 1.02
C ASN F 62 -3.05 4.16 -0.28
N ARG F 63 -2.76 3.47 -1.42
CA ARG F 63 -2.80 4.06 -2.77
C ARG F 63 -4.27 4.05 -3.22
N PHE F 64 -5.11 3.28 -2.53
CA PHE F 64 -6.55 3.16 -2.78
C PHE F 64 -7.26 4.11 -1.84
N SER F 65 -8.01 5.05 -2.41
CA SER F 65 -8.80 5.97 -1.61
C SER F 65 -10.17 6.17 -2.23
N GLY F 66 -11.15 6.49 -1.38
CA GLY F 66 -12.52 6.74 -1.83
C GLY F 66 -13.04 8.10 -1.43
N SER F 67 -13.89 8.69 -2.24
CA SER F 67 -14.55 9.97 -2.04
C SER F 67 -15.93 9.97 -2.73
N LYS F 68 -16.72 11.02 -2.52
CA LYS F 68 -18.07 11.17 -3.05
C LYS F 68 -18.31 12.64 -3.20
N SER F 69 -19.08 13.00 -4.22
CA SER F 69 -19.51 14.36 -4.52
C SER F 69 -20.84 14.17 -5.25
N GLY F 70 -21.93 14.69 -4.69
CA GLY F 70 -23.27 14.54 -5.24
C GLY F 70 -23.70 13.08 -5.31
N ASN F 71 -24.09 12.63 -6.54
CA ASN F 71 -24.56 11.27 -6.80
C ASN F 71 -23.49 10.33 -7.29
N THR F 72 -22.23 10.75 -7.21
CA THR F 72 -21.07 10.01 -7.69
C THR F 72 -20.03 9.73 -6.62
N ALA F 73 -19.74 8.43 -6.42
CA ALA F 73 -18.66 7.97 -5.56
C ALA F 73 -17.45 7.62 -6.45
N SER F 74 -16.24 7.96 -6.01
CA SER F 74 -15.02 7.70 -6.81
C SER F 74 -13.97 6.96 -6.04
N LEU F 75 -13.39 5.96 -6.68
CA LEU F 75 -12.25 5.20 -6.21
C LEU F 75 -11.05 5.82 -6.93
N THR F 76 -10.07 6.30 -6.15
CA THR F 76 -8.87 6.84 -6.74
C THR F 76 -7.73 5.91 -6.39
N ILE F 77 -6.97 5.54 -7.42
CA ILE F 77 -5.79 4.68 -7.25
C ILE F 77 -4.61 5.53 -7.60
N SER F 78 -3.77 5.85 -6.61
CA SER F 78 -2.57 6.65 -6.85
C SER F 78 -1.40 5.71 -7.11
N GLY F 79 -0.35 6.22 -7.75
CA GLY F 79 0.86 5.48 -8.09
C GLY F 79 0.62 4.15 -8.77
N LEU F 80 -0.29 4.15 -9.78
CA LEU F 80 -0.74 2.99 -10.55
C LEU F 80 0.36 1.95 -10.85
N GLN F 81 0.08 0.70 -10.49
CA GLN F 81 0.98 -0.45 -10.66
C GLN F 81 0.33 -1.48 -11.57
N ALA F 82 1.15 -2.33 -12.20
CA ALA F 82 0.69 -3.41 -13.08
C ALA F 82 -0.30 -4.35 -12.37
N GLU F 83 -0.09 -4.64 -11.07
CA GLU F 83 -0.93 -5.51 -10.23
C GLU F 83 -2.34 -4.95 -10.00
N ASP F 84 -2.52 -3.63 -10.23
CA ASP F 84 -3.80 -2.94 -10.11
C ASP F 84 -4.74 -3.25 -11.29
N GLU F 85 -4.21 -3.84 -12.35
CA GLU F 85 -4.99 -4.19 -13.53
C GLU F 85 -5.93 -5.34 -13.14
N ALA F 86 -7.25 -5.06 -13.20
CA ALA F 86 -8.36 -5.95 -12.77
C ALA F 86 -9.68 -5.27 -13.14
N ASP F 87 -10.82 -5.90 -12.75
CA ASP F 87 -12.17 -5.32 -12.84
C ASP F 87 -12.54 -4.73 -11.48
N TYR F 88 -13.14 -3.53 -11.49
CA TYR F 88 -13.58 -2.85 -10.28
C TYR F 88 -15.08 -2.63 -10.30
N TYR F 89 -15.74 -3.08 -9.23
CA TYR F 89 -17.17 -2.92 -9.06
C TYR F 89 -17.43 -2.06 -7.86
N CYS F 90 -18.43 -1.21 -7.98
CA CYS F 90 -18.93 -0.48 -6.83
C CYS F 90 -20.17 -1.24 -6.39
N GLY F 91 -20.53 -1.11 -5.13
CA GLY F 91 -21.71 -1.73 -4.58
C GLY F 91 -22.17 -0.97 -3.36
N THR F 92 -23.38 -1.28 -2.88
CA THR F 92 -23.90 -0.64 -1.66
C THR F 92 -24.05 -1.66 -0.53
N PHE F 93 -24.08 -1.19 0.71
CA PHE F 93 -24.29 -2.02 1.90
C PHE F 93 -25.58 -2.87 1.72
N ALA F 94 -25.53 -4.18 2.04
CA ALA F 94 -26.69 -5.09 1.95
C ALA F 94 -26.87 -5.80 3.29
N GLY F 95 -27.98 -5.50 3.96
CA GLY F 95 -28.36 -6.03 5.28
C GLY F 95 -29.43 -5.18 5.95
N GLY F 96 -30.33 -5.80 6.70
CA GLY F 96 -31.44 -5.13 7.37
C GLY F 96 -32.36 -4.42 6.39
N SER F 97 -32.46 -3.08 6.51
CA SER F 97 -33.26 -2.19 5.68
C SER F 97 -32.69 -1.97 4.29
N TYR F 98 -31.40 -2.30 4.10
CA TYR F 98 -30.64 -2.01 2.89
C TYR F 98 -30.54 -3.20 1.96
N TYR F 99 -30.93 -2.96 0.71
CA TYR F 99 -30.89 -3.98 -0.35
C TYR F 99 -29.69 -3.70 -1.23
N GLY F 100 -28.96 -4.75 -1.55
CA GLY F 100 -27.75 -4.62 -2.36
C GLY F 100 -27.96 -4.36 -3.84
N VAL F 101 -26.98 -3.72 -4.43
CA VAL F 101 -26.92 -3.39 -5.86
C VAL F 101 -25.42 -3.20 -6.16
N PHE F 102 -24.96 -3.78 -7.27
CA PHE F 102 -23.61 -3.59 -7.78
C PHE F 102 -23.65 -2.75 -9.08
N GLY F 103 -22.57 -2.00 -9.31
CA GLY F 103 -22.38 -1.27 -10.56
C GLY F 103 -21.98 -2.26 -11.62
N GLY F 104 -22.03 -1.86 -12.90
CA GLY F 104 -21.72 -2.75 -14.01
C GLY F 104 -20.29 -3.23 -14.13
N GLY F 105 -19.36 -2.61 -13.39
CA GLY F 105 -17.95 -2.95 -13.42
C GLY F 105 -17.14 -2.11 -14.40
N THR F 106 -15.86 -1.91 -14.07
CA THR F 106 -14.93 -1.15 -14.87
C THR F 106 -13.68 -1.97 -15.00
N LYS F 107 -13.28 -2.23 -16.24
CA LYS F 107 -12.03 -2.91 -16.56
C LYS F 107 -10.91 -1.82 -16.52
N LEU F 108 -9.93 -1.97 -15.62
CA LEU F 108 -8.82 -1.03 -15.53
C LEU F 108 -7.58 -1.63 -16.20
N THR F 109 -6.98 -0.85 -17.11
CA THR F 109 -5.79 -1.19 -17.90
C THR F 109 -4.60 -0.27 -17.56
N VAL F 110 -3.41 -0.85 -17.51
CA VAL F 110 -2.20 -0.07 -17.34
C VAL F 110 -1.65 0.09 -18.76
N LEU F 111 -1.37 1.32 -19.16
CA LEU F 111 -0.79 1.58 -20.48
C LEU F 111 0.72 1.58 -20.43
N TRP F 112 1.35 0.72 -21.25
CA TRP F 112 2.80 0.62 -21.32
C TRP F 112 3.38 1.38 -22.49
C1 NAG G . -44.53 -8.08 22.37
C2 NAG G . -43.84 -6.71 22.36
C3 NAG G . -44.73 -5.62 22.95
C4 NAG G . -46.13 -5.66 22.33
C5 NAG G . -46.71 -7.06 22.51
C6 NAG G . -48.11 -7.26 21.97
C7 NAG G . -41.39 -7.02 22.53
C8 NAG G . -40.18 -6.77 23.39
N2 NAG G . -42.58 -6.79 23.10
O3 NAG G . -44.14 -4.34 22.81
O4 NAG G . -46.98 -4.64 22.86
O5 NAG G . -45.86 -8.01 21.84
O6 NAG G . -48.16 -7.33 20.55
O7 NAG G . -41.29 -7.44 21.38
C1 NAG G . -47.88 -3.96 21.95
C2 NAG G . -49.00 -3.27 22.74
C3 NAG G . -49.90 -2.40 21.88
C4 NAG G . -49.09 -1.56 20.89
C5 NAG G . -48.14 -2.48 20.12
C6 NAG G . -47.34 -1.82 19.02
C7 NAG G . -49.72 -4.48 24.78
C8 NAG G . -50.62 -5.55 25.31
N2 NAG G . -49.79 -4.26 23.45
O3 NAG G . -50.63 -1.52 22.73
O4 NAG G . -49.97 -0.85 20.02
O5 NAG G . -47.22 -3.10 21.03
O6 NAG G . -46.54 -0.74 19.48
O7 NAG G . -48.95 -3.85 25.51
C1 NAG H . 24.78 -4.12 22.00
C2 NAG H . 25.56 -4.89 20.94
C3 NAG H . 27.03 -5.04 21.36
C4 NAG H . 27.62 -3.66 21.71
C5 NAG H . 26.75 -2.94 22.74
C6 NAG H . 27.20 -1.52 23.05
C7 NAG H . 24.53 -6.63 19.51
C8 NAG H . 23.91 -8.00 19.50
N2 NAG H . 24.97 -6.20 20.71
O3 NAG H . 27.76 -5.60 20.27
O4 NAG H . 28.93 -3.83 22.24
O5 NAG H . 25.40 -2.87 22.27
O6 NAG H . 26.43 -0.48 22.42
O7 NAG H . 24.62 -5.95 18.50
C1 NAG I . -1.09 9.24 14.20
C2 NAG I . -0.37 10.60 14.23
C3 NAG I . -1.30 11.70 14.76
C4 NAG I . -2.64 11.68 14.02
C5 NAG I . -3.26 10.29 14.11
C6 NAG I . -4.57 10.16 13.36
C7 NAG I . 2.04 10.23 14.60
C8 NAG I . 3.17 10.44 15.57
N2 NAG I . 0.81 10.51 15.06
O3 NAG I . -0.66 12.96 14.61
O4 NAG I . -3.51 12.66 14.59
O5 NAG I . -2.35 9.32 13.55
O6 NAG I . -5.01 8.81 13.24
O7 NAG I . 2.24 9.82 13.46
C1 NAG J . -18.66 -21.26 29.67
C2 NAG J . -17.37 -20.83 28.95
C3 NAG J . -16.13 -21.18 29.77
C4 NAG J . -16.27 -20.71 31.22
C5 NAG J . -17.58 -21.24 31.82
C6 NAG J . -17.86 -20.76 33.22
C7 NAG J . -17.18 -20.83 26.49
C8 NAG J . -17.17 -21.68 25.25
N2 NAG J . -17.32 -21.48 27.65
O3 NAG J . -15.00 -20.57 29.17
O4 NAG J . -15.18 -21.21 31.99
O5 NAG J . -18.69 -20.78 31.02
O6 NAG J . -19.10 -21.29 33.64
O7 NAG J . -17.08 -19.61 26.44
#